data_5MEP
#
_entry.id   5MEP
#
_cell.length_a   119.410
_cell.length_b   169.550
_cell.length_c   47.050
_cell.angle_alpha   90.000
_cell.angle_beta   90.000
_cell.angle_gamma   90.000
#
_symmetry.space_group_name_H-M   'P 21 21 2'
#
loop_
_entity.id
_entity.type
_entity.pdbx_description
1 polymer 'HLA class I histocompatibility antigen, A-2 alpha chain'
2 polymer Beta-2-microglobulin
3 polymer ILE-LEU-GLY-LYS-PHE-LEU-HIS-TRP-LEU
4 non-polymer 1,2-ETHANEDIOL
5 non-polymer 'SULFATE ION'
6 water water
#
loop_
_entity_poly.entity_id
_entity_poly.type
_entity_poly.pdbx_seq_one_letter_code
_entity_poly.pdbx_strand_id
1 'polypeptide(L)'
;GSHSMRYFFTSVSRPGRGEPRFIAVGYVDDTQFVRFDSDAASQRMEPRAPWIEQEGPEYWDGETRKVKAHSQTHRVDLGT
LRGYYNQSEAGSHTVQRMYGCDVGSDWRFLRGYHQYAYDGKDYIALKEDLRSWTAADMAAQTTKHKWEAAHVAEQLRAYL
EGTCVEWLRRYLENGKETLQRTDAPKTHMTHHAVSDHEATLRCWALSFYPAEITLTWQRDGEDQTQDTELVETRPAGDGT
FQKWAAVVVPSGQEQRYTCHVQHEGLPKPLTLRWEP
;
A,D
2 'polypeptide(L)'
;MIQRTPKIQVYSRHPAENGKSNFLNCYVSGFHPSDIEVDLLKNGERIEKVEHSDLSFSKDWSFYLLYYTEFTPTEKDEYA
CRVNHVTLSQPKIVKWDRDM
;
B,E
3 'polypeptide(L)' ILGKFLHWL C,F
#
# COMPACT_ATOMS: atom_id res chain seq x y z
N GLY A 1 -6.32 1.29 9.42
CA GLY A 1 -5.59 0.09 8.96
C GLY A 1 -4.33 0.00 9.77
N SER A 2 -3.20 0.35 9.14
CA SER A 2 -1.89 0.02 9.69
C SER A 2 -1.40 0.99 10.78
N HIS A 3 -0.46 0.52 11.59
CA HIS A 3 0.11 1.26 12.71
C HIS A 3 1.58 0.93 12.84
N SER A 4 2.34 1.82 13.46
CA SER A 4 3.75 1.59 13.64
C SER A 4 4.20 2.05 15.03
N MET A 5 5.26 1.41 15.50
CA MET A 5 5.97 1.83 16.67
C MET A 5 7.41 2.06 16.26
N ARG A 6 7.99 3.17 16.71
CA ARG A 6 9.25 3.65 16.21
C ARG A 6 10.05 4.26 17.35
N TYR A 7 11.29 3.81 17.56
CA TYR A 7 12.21 4.46 18.47
C TYR A 7 13.37 5.09 17.72
N PHE A 8 13.69 6.35 18.06
CA PHE A 8 14.77 7.09 17.42
C PHE A 8 15.82 7.51 18.44
N PHE A 9 17.09 7.37 18.12
CA PHE A 9 18.20 7.71 19.05
C PHE A 9 19.26 8.55 18.37
N THR A 10 19.73 9.57 19.06
CA THR A 10 20.71 10.47 18.52
C THR A 10 21.76 10.67 19.60
N SER A 11 23.03 10.42 19.28
CA SER A 11 24.18 10.81 20.11
C SER A 11 25.04 11.82 19.39
N VAL A 12 25.55 12.83 20.08
CA VAL A 12 26.43 13.82 19.48
C VAL A 12 27.65 14.06 20.37
N SER A 13 28.83 13.85 19.81
CA SER A 13 30.07 14.10 20.54
C SER A 13 30.28 15.60 20.73
N ARG A 14 31.07 15.91 21.75
CA ARG A 14 31.33 17.28 22.16
C ARG A 14 32.79 17.29 22.54
N PRO A 15 33.66 17.47 21.55
CA PRO A 15 35.11 17.39 21.73
C PRO A 15 35.59 18.10 22.99
N GLY A 16 35.05 19.27 23.28
CA GLY A 16 35.45 19.99 24.48
C GLY A 16 35.15 19.26 25.79
N ARG A 17 33.86 19.11 26.07
CA ARG A 17 33.41 19.05 27.43
C ARG A 17 32.58 17.80 27.63
N GLY A 18 33.29 16.72 27.92
CA GLY A 18 32.68 15.52 28.49
C GLY A 18 31.92 14.58 27.56
N GLU A 19 30.98 13.81 28.13
CA GLU A 19 30.29 12.76 27.41
C GLU A 19 29.32 13.33 26.36
N PRO A 20 28.90 12.51 25.40
CA PRO A 20 28.01 12.98 24.34
C PRO A 20 26.56 13.19 24.74
N ARG A 21 25.89 14.11 24.04
CA ARG A 21 24.46 14.36 24.20
C ARG A 21 23.78 13.17 23.68
N PHE A 22 22.84 12.63 24.44
CA PHE A 22 22.06 11.51 23.96
C PHE A 22 20.60 11.82 24.17
N ILE A 23 19.84 11.72 23.09
CA ILE A 23 18.42 11.98 23.13
C ILE A 23 17.70 10.87 22.43
N ALA A 24 16.70 10.31 23.12
CA ALA A 24 15.94 9.18 22.63
C ALA A 24 14.49 9.46 22.79
N VAL A 25 13.73 8.96 21.84
CA VAL A 25 12.36 9.40 21.67
C VAL A 25 11.61 8.21 21.10
N GLY A 26 10.42 7.94 21.61
CA GLY A 26 9.60 6.82 21.07
C GLY A 26 8.26 7.29 20.59
N TYR A 27 7.79 6.69 19.51
CA TYR A 27 6.49 7.06 18.90
C TYR A 27 5.64 5.85 18.68
N VAL A 28 4.32 5.99 18.79
CA VAL A 28 3.47 5.09 18.01
C VAL A 28 2.70 5.94 17.07
N ASP A 29 2.67 5.49 15.83
CA ASP A 29 2.18 6.29 14.75
C ASP A 29 2.86 7.66 14.87
N ASP A 30 2.07 8.72 14.85
CA ASP A 30 2.61 10.07 14.82
C ASP A 30 2.56 10.71 16.20
N THR A 31 2.46 9.90 17.24
CA THR A 31 2.34 10.38 18.60
C THR A 31 3.55 9.94 19.40
N GLN A 32 4.33 10.92 19.84
CA GLN A 32 5.43 10.71 20.74
C GLN A 32 4.90 10.26 22.07
N PHE A 33 5.45 9.19 22.62
CA PHE A 33 4.97 8.72 23.92
C PHE A 33 6.04 8.62 24.98
N VAL A 34 7.30 8.79 24.62
CA VAL A 34 8.33 8.57 25.63
C VAL A 34 9.59 9.36 25.26
N ARG A 35 10.42 9.69 26.24
CA ARG A 35 11.68 10.35 25.92
C ARG A 35 12.73 10.19 27.00
N PHE A 36 14.00 10.27 26.56
CA PHE A 36 15.15 10.36 27.46
C PHE A 36 16.14 11.41 26.95
N ASP A 37 16.68 12.21 27.85
CA ASP A 37 17.73 13.16 27.46
C ASP A 37 18.86 13.13 28.48
N SER A 38 20.05 12.73 28.04
CA SER A 38 21.21 12.60 28.93
C SER A 38 21.52 13.86 29.71
N ASP A 39 21.04 15.01 29.25
CA ASP A 39 21.26 16.29 29.92
C ASP A 39 20.20 16.67 30.93
N ALA A 40 19.14 15.89 31.07
CA ALA A 40 18.06 16.27 32.01
C ALA A 40 18.43 15.83 33.41
N ALA A 41 17.87 16.48 34.42
CA ALA A 41 18.20 16.14 35.80
C ALA A 41 17.72 14.74 36.15
N SER A 42 16.54 14.35 35.66
CA SER A 42 15.88 13.13 36.14
C SER A 42 16.72 11.88 35.93
N GLN A 43 17.51 11.84 34.86
CA GLN A 43 18.27 10.64 34.46
C GLN A 43 17.35 9.42 34.29
N ARG A 44 16.13 9.67 33.82
CA ARG A 44 15.07 8.66 33.73
C ARG A 44 14.29 8.77 32.43
N MET A 45 13.83 7.63 31.94
CA MET A 45 12.85 7.63 30.87
C MET A 45 11.58 8.33 31.37
N GLU A 46 11.09 9.29 30.59
CA GLU A 46 9.95 10.12 30.97
C GLU A 46 8.75 9.93 30.02
N PRO A 47 7.54 9.96 30.56
CA PRO A 47 6.35 9.84 29.73
C PRO A 47 6.09 11.13 28.98
N ARG A 48 5.60 11.01 27.76
CA ARG A 48 5.20 12.15 26.96
C ARG A 48 3.80 11.97 26.37
N ALA A 49 3.07 10.95 26.80
CA ALA A 49 1.66 10.82 26.45
C ALA A 49 0.88 10.37 27.68
N PRO A 50 -0.36 10.84 27.84
CA PRO A 50 -1.09 10.45 29.06
C PRO A 50 -1.22 8.94 29.29
N TRP A 51 -1.51 8.20 28.23
CA TRP A 51 -1.85 6.76 28.35
C TRP A 51 -0.69 5.87 28.72
N ILE A 52 0.52 6.41 28.70
CA ILE A 52 1.66 5.63 29.09
C ILE A 52 1.95 5.79 30.59
N GLU A 53 1.43 6.86 31.18
CA GLU A 53 1.58 7.07 32.62
C GLU A 53 1.03 5.93 33.49
N GLN A 54 0.07 5.19 32.97
CA GLN A 54 -0.52 4.08 33.70
C GLN A 54 0.54 3.06 34.07
N GLU A 55 1.46 2.80 33.15
CA GLU A 55 2.41 1.70 33.35
C GLU A 55 3.21 1.83 34.65
N GLY A 56 3.50 0.69 35.27
CA GLY A 56 4.00 0.65 36.63
C GLY A 56 5.49 0.88 36.74
N PRO A 57 5.98 1.05 37.97
CA PRO A 57 7.37 1.38 38.26
C PRO A 57 8.40 0.45 37.64
N GLU A 58 8.05 -0.84 37.53
CA GLU A 58 8.94 -1.84 36.92
C GLU A 58 9.16 -1.47 35.50
N TYR A 59 8.11 -1.01 34.85
CA TYR A 59 8.22 -0.57 33.47
C TYR A 59 9.24 0.55 33.31
N TRP A 60 9.07 1.63 34.08
CA TRP A 60 9.97 2.79 33.95
C TRP A 60 11.37 2.44 34.34
N ASP A 61 11.52 1.60 35.38
CA ASP A 61 12.84 1.07 35.71
C ASP A 61 13.47 0.27 34.57
N GLY A 62 12.71 -0.64 33.98
CA GLY A 62 13.24 -1.42 32.86
C GLY A 62 13.64 -0.52 31.73
N GLU A 63 12.76 0.39 31.35
CA GLU A 63 13.02 1.25 30.19
C GLU A 63 14.24 2.13 30.40
N THR A 64 14.33 2.72 31.59
CA THR A 64 15.51 3.46 31.98
C THR A 64 16.82 2.64 31.95
N ARG A 65 16.82 1.41 32.41
CA ARG A 65 18.03 0.58 32.36
C ARG A 65 18.48 0.51 30.92
N LYS A 66 17.51 0.22 30.05
CA LYS A 66 17.81 -0.02 28.67
C LYS A 66 18.17 1.22 27.90
N VAL A 67 17.50 2.37 28.08
CA VAL A 67 17.96 3.56 27.32
C VAL A 67 19.37 3.90 27.69
N LYS A 68 19.71 3.78 28.98
CA LYS A 68 21.07 4.05 29.41
C LYS A 68 22.06 3.15 28.67
N ALA A 69 21.74 1.87 28.57
CA ALA A 69 22.60 0.92 27.83
C ALA A 69 22.80 1.36 26.40
N HIS A 70 21.71 1.74 25.74
CA HIS A 70 21.76 2.21 24.36
C HIS A 70 22.74 3.39 24.23
N SER A 71 22.73 4.29 25.20
CA SER A 71 23.53 5.48 25.13
C SER A 71 24.98 5.08 25.30
N GLN A 72 25.24 4.09 26.14
CA GLN A 72 26.59 3.59 26.32
C GLN A 72 27.17 3.02 25.05
N THR A 73 26.35 2.26 24.32
CA THR A 73 26.86 1.66 23.10
C THR A 73 27.21 2.77 22.11
N HIS A 74 26.31 3.75 21.98
CA HIS A 74 26.61 4.96 21.16
C HIS A 74 27.86 5.70 21.59
N ARG A 75 28.04 5.83 22.89
CA ARG A 75 29.25 6.50 23.40
C ARG A 75 30.49 5.80 22.77
N VAL A 76 30.50 4.47 22.82
CA VAL A 76 31.65 3.75 22.32
C VAL A 76 31.62 3.76 20.79
N ASP A 77 30.44 3.74 20.19
CA ASP A 77 30.37 3.75 18.70
C ASP A 77 31.05 4.99 18.14
N LEU A 78 30.90 6.12 18.82
CA LEU A 78 31.52 7.33 18.31
C LEU A 78 33.01 7.13 18.20
N GLY A 79 33.61 6.56 19.25
CA GLY A 79 35.05 6.30 19.27
C GLY A 79 35.41 5.32 18.21
N THR A 80 34.62 4.28 18.07
CA THR A 80 34.91 3.23 17.12
C THR A 80 34.94 3.80 15.70
N LEU A 81 33.95 4.62 15.37
CA LEU A 81 33.89 5.22 14.01
C LEU A 81 34.98 6.24 13.74
N ARG A 82 35.39 6.99 14.75
CA ARG A 82 36.52 7.88 14.56
C ARG A 82 37.73 7.05 14.12
N GLY A 83 37.89 5.88 14.73
CA GLY A 83 38.93 4.92 14.34
C GLY A 83 38.77 4.42 12.91
N TYR A 84 37.58 3.90 12.57
CA TYR A 84 37.35 3.34 11.24
C TYR A 84 37.59 4.34 10.14
N TYR A 85 37.07 5.56 10.29
CA TYR A 85 37.26 6.61 9.30
C TYR A 85 38.54 7.43 9.50
N ASN A 86 39.35 7.08 10.51
CA ASN A 86 40.58 7.78 10.80
C ASN A 86 40.45 9.31 10.95
N GLN A 87 39.51 9.73 11.77
CA GLN A 87 39.21 11.15 12.03
C GLN A 87 39.81 11.62 13.36
N SER A 88 40.10 12.91 13.45
CA SER A 88 40.65 13.43 14.68
C SER A 88 39.58 13.56 15.76
N GLU A 89 40.03 13.90 16.96
CA GLU A 89 39.17 14.19 18.09
C GLU A 89 38.53 15.56 17.96
N ALA A 90 39.15 16.46 17.21
CA ALA A 90 38.56 17.76 16.93
C ALA A 90 37.30 17.46 16.17
N GLY A 91 36.26 18.26 16.33
CA GLY A 91 35.10 18.12 15.49
C GLY A 91 34.08 17.17 16.06
N SER A 92 32.83 17.54 15.88
CA SER A 92 31.74 16.87 16.52
C SER A 92 31.05 15.98 15.49
N HIS A 93 30.72 14.76 15.91
CA HIS A 93 30.01 13.82 15.04
C HIS A 93 28.73 13.28 15.67
N THR A 94 27.93 12.63 14.83
CA THR A 94 26.62 12.22 15.17
C THR A 94 26.38 10.79 14.74
N VAL A 95 25.94 9.96 15.69
CA VAL A 95 25.43 8.63 15.42
C VAL A 95 23.93 8.64 15.63
N GLN A 96 23.18 8.03 14.71
CA GLN A 96 21.75 7.91 14.86
C GLN A 96 21.32 6.47 14.67
N ARG A 97 20.26 6.09 15.37
CA ARG A 97 19.69 4.78 15.25
C ARG A 97 18.16 4.87 15.27
N MET A 98 17.49 4.09 14.44
CA MET A 98 16.06 3.93 14.58
C MET A 98 15.71 2.49 14.39
N TYR A 99 14.71 2.04 15.13
CA TYR A 99 14.13 0.75 14.89
C TYR A 99 12.64 0.73 15.27
N GLY A 100 11.92 -0.28 14.78
CA GLY A 100 10.50 -0.38 14.97
C GLY A 100 9.83 -1.39 14.10
N CYS A 101 8.53 -1.59 14.31
CA CYS A 101 7.74 -2.51 13.52
C CYS A 101 6.48 -1.84 13.02
N ASP A 102 5.91 -2.41 11.95
CA ASP A 102 4.62 -2.04 11.45
C ASP A 102 3.64 -3.23 11.59
N VAL A 103 2.38 -2.93 11.83
CA VAL A 103 1.33 -3.93 11.74
C VAL A 103 0.22 -3.43 10.86
N GLY A 104 -0.54 -4.38 10.28
CA GLY A 104 -1.62 -4.08 9.37
C GLY A 104 -2.89 -3.95 10.17
N SER A 105 -4.03 -3.84 9.49
CA SER A 105 -5.29 -3.51 10.15
C SER A 105 -5.71 -4.63 11.06
N ASP A 106 -5.36 -5.85 10.66
CA ASP A 106 -5.54 -7.04 11.49
C ASP A 106 -4.58 -7.07 12.70
N TRP A 107 -3.58 -6.21 12.71
CA TRP A 107 -2.64 -6.07 13.83
C TRP A 107 -1.62 -7.22 13.86
N ARG A 108 -1.50 -7.93 12.75
CA ARG A 108 -0.47 -8.94 12.56
C ARG A 108 0.79 -8.19 12.11
N PHE A 109 1.97 -8.73 12.42
CA PHE A 109 3.25 -8.21 11.93
C PHE A 109 3.30 -8.01 10.42
N LEU A 110 3.82 -6.87 10.01
CA LEU A 110 3.87 -6.52 8.61
C LEU A 110 5.29 -6.31 8.14
N ARG A 111 6.09 -5.62 8.93
CA ARG A 111 7.45 -5.30 8.48
C ARG A 111 8.28 -4.79 9.65
N GLY A 112 9.59 -5.00 9.60
CA GLY A 112 10.51 -4.50 10.66
C GLY A 112 11.63 -3.68 10.10
N TYR A 113 12.27 -2.88 10.95
CA TYR A 113 13.35 -1.98 10.56
C TYR A 113 14.38 -1.80 11.67
N HIS A 114 15.62 -1.56 11.24
CA HIS A 114 16.68 -1.26 12.14
C HIS A 114 17.88 -0.71 11.39
N GLN A 115 18.20 0.55 11.63
CA GLN A 115 19.22 1.23 10.82
C GLN A 115 20.10 2.14 11.66
N TYR A 116 21.31 2.40 11.19
CA TYR A 116 22.16 3.45 11.76
C TYR A 116 22.58 4.42 10.69
N ALA A 117 22.93 5.63 11.13
CA ALA A 117 23.50 6.63 10.25
C ALA A 117 24.69 7.30 10.97
N TYR A 118 25.74 7.65 10.22
CA TYR A 118 26.85 8.39 10.76
C TYR A 118 26.92 9.72 10.03
N ASP A 119 26.87 10.81 10.79
CA ASP A 119 26.88 12.13 10.21
C ASP A 119 25.85 12.26 9.07
N GLY A 120 24.67 11.68 9.29
CA GLY A 120 23.51 11.90 8.39
C GLY A 120 23.50 11.11 7.11
N LYS A 121 24.42 10.12 7.04
CA LYS A 121 24.54 9.23 5.88
C LYS A 121 24.26 7.82 6.41
N ASP A 122 23.44 7.06 5.68
CA ASP A 122 23.20 5.61 5.94
C ASP A 122 24.49 4.88 6.24
N TYR A 123 24.54 4.17 7.35
CA TYR A 123 25.74 3.41 7.71
C TYR A 123 25.46 1.93 7.54
N ILE A 124 24.48 1.41 8.24
CA ILE A 124 24.16 0.00 8.12
C ILE A 124 22.69 -0.16 8.38
N ALA A 125 22.08 -1.14 7.71
CA ALA A 125 20.64 -1.38 7.79
C ALA A 125 20.28 -2.87 7.70
N LEU A 126 19.38 -3.29 8.57
CA LEU A 126 18.86 -4.63 8.52
C LEU A 126 17.97 -4.73 7.29
N LYS A 127 18.04 -5.82 6.55
CA LYS A 127 17.24 -5.92 5.32
C LYS A 127 15.88 -6.44 5.68
N GLU A 128 14.94 -6.30 4.76
CA GLU A 128 13.56 -6.58 5.09
C GLU A 128 13.37 -8.02 5.56
N ASP A 129 14.14 -8.96 5.04
CA ASP A 129 14.16 -10.36 5.55
C ASP A 129 14.58 -10.54 7.04
N LEU A 130 15.20 -9.54 7.64
CA LEU A 130 15.65 -9.58 9.04
C LEU A 130 16.70 -10.65 9.32
N ARG A 131 17.44 -10.99 8.28
CA ARG A 131 18.45 -12.05 8.33
C ARG A 131 19.81 -11.51 7.90
N SER A 132 19.77 -10.44 7.15
CA SER A 132 20.88 -10.01 6.35
C SER A 132 21.11 -8.48 6.59
N TRP A 133 22.29 -7.94 6.27
CA TRP A 133 22.61 -6.50 6.46
C TRP A 133 23.05 -5.79 5.16
N THR A 134 22.65 -4.53 4.99
CA THR A 134 23.18 -3.64 3.94
C THR A 134 24.24 -2.79 4.58
N ALA A 135 25.44 -2.87 4.05
CA ALA A 135 26.59 -2.20 4.60
C ALA A 135 27.15 -1.23 3.55
N ALA A 136 27.07 0.06 3.83
CA ALA A 136 27.59 1.13 2.94
C ALA A 136 29.05 1.06 2.40
N ASP A 137 30.04 0.74 3.24
CA ASP A 137 31.45 0.81 2.86
C ASP A 137 32.33 -0.06 3.76
N MET A 138 33.64 -0.02 3.60
CA MET A 138 34.54 -0.91 4.39
C MET A 138 34.27 -0.88 5.90
N ALA A 139 34.01 0.31 6.42
CA ALA A 139 33.78 0.45 7.84
C ALA A 139 32.54 -0.33 8.24
N ALA A 140 31.44 -0.04 7.55
CA ALA A 140 30.17 -0.70 7.81
C ALA A 140 30.29 -2.20 7.61
N GLN A 141 31.09 -2.62 6.65
CA GLN A 141 31.35 -4.05 6.47
C GLN A 141 32.09 -4.69 7.65
N THR A 142 32.93 -3.94 8.31
CA THR A 142 33.54 -4.44 9.52
C THR A 142 32.47 -4.69 10.57
N THR A 143 31.61 -3.71 10.75
CA THR A 143 30.52 -3.86 11.70
C THR A 143 29.69 -5.08 11.36
N LYS A 144 29.34 -5.20 10.09
CA LYS A 144 28.54 -6.32 9.60
C LYS A 144 29.13 -7.65 9.98
N HIS A 145 30.42 -7.81 9.76
CA HIS A 145 31.08 -9.04 10.13
C HIS A 145 31.04 -9.31 11.65
N LYS A 146 31.14 -8.24 12.44
CA LYS A 146 31.14 -8.36 13.90
C LYS A 146 29.78 -8.88 14.36
N TRP A 147 28.75 -8.28 13.79
CA TRP A 147 27.36 -8.60 14.08
C TRP A 147 26.89 -9.96 13.60
N GLU A 148 27.45 -10.42 12.49
CA GLU A 148 27.17 -11.75 12.01
C GLU A 148 27.64 -12.78 13.01
N ALA A 149 28.84 -12.59 13.56
CA ALA A 149 29.38 -13.53 14.53
C ALA A 149 28.68 -13.46 15.91
N ALA A 150 28.22 -12.28 16.26
CA ALA A 150 27.51 -12.02 17.51
C ALA A 150 25.97 -12.23 17.46
N HIS A 151 25.45 -12.68 16.31
CA HIS A 151 24.05 -13.07 16.16
C HIS A 151 23.10 -11.95 16.46
N VAL A 152 23.48 -10.75 16.07
CA VAL A 152 22.67 -9.60 16.32
C VAL A 152 21.36 -9.64 15.54
N ALA A 153 21.41 -10.05 14.28
CA ALA A 153 20.20 -10.14 13.49
C ALA A 153 19.15 -10.99 14.20
N GLU A 154 19.54 -12.16 14.72
CA GLU A 154 18.58 -13.01 15.48
C GLU A 154 17.99 -12.22 16.66
N GLN A 155 18.82 -11.48 17.39
CA GLN A 155 18.35 -10.71 18.53
C GLN A 155 17.29 -9.74 18.11
N LEU A 156 17.54 -9.09 17.00
CA LEU A 156 16.62 -8.12 16.48
C LEU A 156 15.33 -8.71 15.91
N ARG A 157 15.43 -9.87 15.28
CA ARG A 157 14.28 -10.47 14.69
C ARG A 157 13.34 -10.82 15.82
N ALA A 158 13.88 -11.37 16.90
CA ALA A 158 13.04 -11.82 18.00
C ALA A 158 12.28 -10.64 18.62
N TYR A 159 12.90 -9.46 18.64
CA TYR A 159 12.24 -8.30 19.20
C TYR A 159 11.18 -7.77 18.24
N LEU A 160 11.57 -7.62 16.99
CA LEU A 160 10.77 -6.96 15.97
C LEU A 160 9.50 -7.73 15.63
N GLU A 161 9.59 -9.06 15.57
CA GLU A 161 8.44 -9.89 15.25
C GLU A 161 7.58 -10.19 16.46
N GLY A 162 8.14 -10.16 17.66
CA GLY A 162 7.40 -10.59 18.84
C GLY A 162 7.10 -9.40 19.71
N THR A 163 8.07 -9.07 20.56
CA THR A 163 7.89 -8.03 21.57
C THR A 163 7.35 -6.73 20.98
N CYS A 164 7.97 -6.29 19.88
CA CYS A 164 7.63 -5.01 19.30
C CYS A 164 6.17 -4.96 18.99
N VAL A 165 5.67 -6.03 18.39
CA VAL A 165 4.27 -6.14 18.05
C VAL A 165 3.37 -6.28 19.27
N GLU A 166 3.73 -7.15 20.19
CA GLU A 166 2.87 -7.39 21.37
C GLU A 166 2.67 -6.08 22.16
N TRP A 167 3.71 -5.25 22.21
CA TRP A 167 3.62 -4.01 22.95
C TRP A 167 2.94 -2.91 22.14
N LEU A 168 3.15 -2.89 20.84
CA LEU A 168 2.38 -2.00 19.98
C LEU A 168 0.87 -2.19 20.20
N ARG A 169 0.39 -3.42 20.15
CA ARG A 169 -1.02 -3.72 20.44
C ARG A 169 -1.46 -3.23 21.80
N ARG A 170 -0.64 -3.50 22.80
CA ARG A 170 -0.99 -3.13 24.15
C ARG A 170 -1.21 -1.63 24.20
N TYR A 171 -0.28 -0.88 23.63
CA TYR A 171 -0.38 0.58 23.58
C TYR A 171 -1.62 1.04 22.83
N LEU A 172 -1.90 0.45 21.69
CA LEU A 172 -3.10 0.84 20.94
C LEU A 172 -4.40 0.54 21.66
N GLU A 173 -4.39 -0.38 22.61
CA GLU A 173 -5.56 -0.67 23.45
C GLU A 173 -5.65 0.26 24.68
N ASN A 174 -4.55 0.60 25.32
CA ASN A 174 -4.57 1.70 26.31
C ASN A 174 -4.44 3.06 25.60
N GLY A 175 -5.26 4.03 25.92
CA GLY A 175 -5.28 5.20 25.04
C GLY A 175 -5.58 4.77 23.60
N LYS A 176 -6.51 3.85 23.48
CA LYS A 176 -7.38 3.70 22.31
C LYS A 176 -7.92 5.06 21.91
N GLU A 177 -8.37 5.84 22.89
CA GLU A 177 -9.13 7.06 22.59
C GLU A 177 -8.31 8.19 21.97
N THR A 178 -6.98 8.08 22.02
CA THR A 178 -6.13 9.04 21.34
C THR A 178 -5.51 8.43 20.06
N LEU A 179 -5.03 7.20 20.14
CA LEU A 179 -4.32 6.59 19.02
C LEU A 179 -5.21 6.03 17.89
N GLN A 180 -6.43 5.59 18.19
CA GLN A 180 -7.31 5.07 17.15
C GLN A 180 -8.35 6.08 16.70
N ARG A 181 -8.22 7.31 17.18
CA ARG A 181 -9.01 8.39 16.66
C ARG A 181 -8.49 8.75 15.27
N THR A 182 -9.37 9.15 14.37
CA THR A 182 -8.96 9.90 13.22
C THR A 182 -9.74 11.20 13.26
N ASP A 183 -9.02 12.30 13.05
CA ASP A 183 -9.57 13.63 12.99
C ASP A 183 -9.41 14.09 11.57
N ALA A 184 -10.53 14.20 10.89
CA ALA A 184 -10.55 14.67 9.53
C ALA A 184 -10.12 16.13 9.51
N PRO A 185 -9.33 16.51 8.51
CA PRO A 185 -8.94 17.92 8.39
C PRO A 185 -10.11 18.87 8.17
N LYS A 186 -10.02 20.01 8.84
CA LYS A 186 -10.87 21.14 8.54
C LYS A 186 -10.16 21.93 7.43
N THR A 187 -10.93 22.33 6.44
CA THR A 187 -10.40 22.79 5.19
C THR A 187 -11.02 24.10 4.84
N HIS A 188 -10.27 24.93 4.11
CA HIS A 188 -10.80 26.14 3.52
C HIS A 188 -9.83 26.71 2.52
N MET A 189 -10.23 27.75 1.79
CA MET A 189 -9.37 28.32 0.76
C MET A 189 -9.18 29.81 0.90
N THR A 190 -8.02 30.32 0.50
CA THR A 190 -7.76 31.77 0.52
C THR A 190 -7.24 32.18 -0.84
N HIS A 191 -7.35 33.47 -1.10
CA HIS A 191 -7.04 34.02 -2.40
C HIS A 191 -6.20 35.26 -2.17
N HIS A 192 -5.16 35.43 -2.95
CA HIS A 192 -4.30 36.60 -2.85
C HIS A 192 -3.91 36.99 -4.25
N ALA A 193 -4.02 38.27 -4.56
CA ALA A 193 -3.61 38.74 -5.88
C ALA A 193 -2.09 38.92 -5.88
N VAL A 194 -1.37 38.16 -6.70
CA VAL A 194 0.09 38.27 -6.78
C VAL A 194 0.49 39.52 -7.57
N SER A 195 -0.11 39.68 -8.75
CA SER A 195 0.18 40.81 -9.63
C SER A 195 -1.08 41.18 -10.41
N ASP A 196 -0.98 42.10 -11.34
CA ASP A 196 -2.13 42.41 -12.20
C ASP A 196 -2.56 41.23 -13.06
N HIS A 197 -1.64 40.35 -13.41
CA HIS A 197 -1.95 39.28 -14.35
C HIS A 197 -2.21 37.94 -13.67
N GLU A 198 -1.98 37.83 -12.36
CA GLU A 198 -2.20 36.54 -11.67
C GLU A 198 -2.54 36.58 -10.15
N ALA A 199 -2.90 35.42 -9.60
CA ALA A 199 -3.41 35.24 -8.23
C ALA A 199 -2.96 33.92 -7.66
N THR A 200 -2.81 33.83 -6.33
CA THR A 200 -2.60 32.52 -5.74
C THR A 200 -3.81 32.07 -4.95
N LEU A 201 -4.10 30.79 -5.11
CA LEU A 201 -5.13 30.12 -4.35
C LEU A 201 -4.39 29.24 -3.44
N ARG A 202 -4.76 29.26 -2.17
CA ARG A 202 -4.14 28.42 -1.18
C ARG A 202 -5.19 27.59 -0.48
N CYS A 203 -4.92 26.30 -0.40
CA CYS A 203 -5.84 25.31 0.08
C CYS A 203 -5.34 24.82 1.42
N TRP A 204 -6.17 24.91 2.44
CA TRP A 204 -5.75 24.59 3.80
C TRP A 204 -6.31 23.29 4.34
N ALA A 205 -5.50 22.55 5.07
CA ALA A 205 -5.97 21.45 5.88
C ALA A 205 -5.45 21.63 7.29
N LEU A 206 -6.36 21.62 8.25
CA LEU A 206 -6.06 21.94 9.67
C LEU A 206 -6.54 20.83 10.63
N SER A 207 -5.92 20.72 11.80
CA SER A 207 -6.49 19.95 12.90
C SER A 207 -6.72 18.51 12.57
N PHE A 208 -5.82 17.90 11.80
CA PHE A 208 -6.01 16.51 11.40
C PHE A 208 -5.00 15.54 12.00
N TYR A 209 -5.39 14.27 12.02
CA TYR A 209 -4.58 13.18 12.56
C TYR A 209 -5.10 11.90 11.99
N PRO A 210 -4.25 11.02 11.52
CA PRO A 210 -2.82 11.18 11.54
C PRO A 210 -2.28 12.07 10.41
N ALA A 211 -0.97 12.18 10.35
CA ALA A 211 -0.31 13.14 9.49
C ALA A 211 -0.40 12.84 8.00
N GLU A 212 -0.54 11.58 7.63
CA GLU A 212 -0.58 11.27 6.20
C GLU A 212 -1.72 12.07 5.59
N ILE A 213 -1.45 12.72 4.48
CA ILE A 213 -2.46 13.47 3.81
C ILE A 213 -2.06 13.77 2.40
N THR A 214 -3.01 13.95 1.51
CA THR A 214 -2.71 14.36 0.15
C THR A 214 -3.56 15.53 -0.31
N LEU A 215 -2.88 16.60 -0.70
CA LEU A 215 -3.46 17.78 -1.29
C LEU A 215 -3.02 17.86 -2.72
N THR A 216 -3.98 17.98 -3.62
CA THR A 216 -3.77 17.95 -5.06
C THR A 216 -4.55 19.09 -5.67
N TRP A 217 -4.02 19.76 -6.69
CA TRP A 217 -4.76 20.80 -7.46
C TRP A 217 -5.06 20.27 -8.86
N GLN A 218 -6.21 20.64 -9.42
CA GLN A 218 -6.52 20.37 -10.84
C GLN A 218 -6.98 21.63 -11.54
N ARG A 219 -6.84 21.62 -12.86
CA ARG A 219 -7.36 22.65 -13.74
C ARG A 219 -8.30 21.92 -14.67
N ASP A 220 -9.53 22.41 -14.81
CA ASP A 220 -10.56 21.72 -15.62
C ASP A 220 -10.56 20.21 -15.40
N GLY A 221 -10.30 19.76 -14.18
CA GLY A 221 -10.30 18.33 -13.88
C GLY A 221 -9.08 17.52 -14.31
N GLU A 222 -7.94 18.17 -14.55
CA GLU A 222 -6.71 17.45 -14.96
C GLU A 222 -5.60 17.76 -13.95
N ASP A 223 -4.88 16.73 -13.52
CA ASP A 223 -3.87 16.90 -12.46
C ASP A 223 -2.82 17.91 -12.86
N GLN A 224 -2.56 18.85 -11.98
CA GLN A 224 -1.58 19.87 -12.22
C GLN A 224 -0.58 19.95 -11.09
N THR A 225 0.70 20.08 -11.47
CA THR A 225 1.81 20.20 -10.54
C THR A 225 2.77 21.33 -10.99
N GLN A 226 2.65 21.74 -12.25
CA GLN A 226 3.18 23.02 -12.71
C GLN A 226 2.60 24.20 -11.93
N ASP A 227 3.49 25.05 -11.41
CA ASP A 227 3.09 26.31 -10.75
C ASP A 227 2.37 26.06 -9.43
N THR A 228 2.51 24.86 -8.85
CA THR A 228 2.02 24.59 -7.49
C THR A 228 3.12 24.69 -6.44
N GLU A 229 2.73 24.98 -5.20
CA GLU A 229 3.60 24.92 -4.02
C GLU A 229 3.00 24.12 -2.82
N LEU A 230 3.73 23.13 -2.29
CA LEU A 230 3.34 22.40 -1.04
C LEU A 230 4.24 22.76 0.08
N VAL A 231 3.71 22.77 1.29
CA VAL A 231 4.58 22.91 2.45
C VAL A 231 4.66 21.59 3.20
N GLU A 232 5.75 21.42 3.94
CA GLU A 232 5.95 20.18 4.62
C GLU A 232 4.85 20.15 5.71
N THR A 233 4.19 19.01 5.86
CA THR A 233 3.21 18.82 6.90
C THR A 233 3.83 19.18 8.25
N ARG A 234 3.09 19.92 9.07
CA ARG A 234 3.67 20.52 10.24
C ARG A 234 2.77 20.34 11.47
N PRO A 235 3.39 20.24 12.66
CA PRO A 235 2.57 20.01 13.86
C PRO A 235 1.93 21.31 14.37
N ALA A 236 0.64 21.27 14.66
CA ALA A 236 0.05 22.28 15.51
C ALA A 236 0.59 21.75 16.81
N GLY A 237 0.62 22.51 17.87
CA GLY A 237 1.29 21.90 19.06
C GLY A 237 0.49 21.00 20.00
N ASP A 238 -0.58 20.38 19.50
CA ASP A 238 -1.62 19.84 20.36
C ASP A 238 -2.02 18.42 19.96
N GLY A 239 -1.16 17.76 19.18
CA GLY A 239 -1.40 16.42 18.74
C GLY A 239 -1.91 16.32 17.32
N THR A 240 -2.25 17.45 16.72
CA THR A 240 -2.73 17.46 15.33
C THR A 240 -1.75 18.13 14.37
N PHE A 241 -2.12 18.12 13.09
CA PHE A 241 -1.22 18.57 12.01
C PHE A 241 -1.89 19.55 11.07
N GLN A 242 -1.07 20.20 10.25
CA GLN A 242 -1.48 21.22 9.32
C GLN A 242 -0.72 21.10 8.01
N LYS A 243 -1.34 21.52 6.91
CA LYS A 243 -0.68 21.62 5.63
C LYS A 243 -1.44 22.54 4.72
N TRP A 244 -0.74 23.23 3.82
CA TRP A 244 -1.37 23.91 2.72
C TRP A 244 -0.69 23.67 1.40
N ALA A 245 -1.47 23.88 0.35
CA ALA A 245 -1.03 23.79 -1.04
C ALA A 245 -1.50 25.01 -1.79
N ALA A 246 -0.58 25.67 -2.49
CA ALA A 246 -0.97 26.83 -3.29
C ALA A 246 -0.66 26.66 -4.80
N VAL A 247 -1.39 27.39 -5.62
CA VAL A 247 -1.13 27.39 -7.05
C VAL A 247 -1.29 28.83 -7.53
N VAL A 248 -0.51 29.24 -8.52
CA VAL A 248 -0.70 30.59 -9.05
C VAL A 248 -1.40 30.44 -10.36
N VAL A 249 -2.35 31.32 -10.59
CA VAL A 249 -3.29 31.17 -11.69
C VAL A 249 -3.50 32.50 -12.37
N PRO A 250 -3.91 32.47 -13.65
CA PRO A 250 -4.27 33.75 -14.25
C PRO A 250 -5.51 34.30 -13.56
N SER A 251 -5.62 35.61 -13.44
CA SER A 251 -6.77 36.15 -12.74
C SER A 251 -7.97 36.15 -13.67
N GLY A 252 -9.14 36.02 -13.07
CA GLY A 252 -10.34 35.73 -13.81
C GLY A 252 -10.57 34.24 -14.04
N GLN A 253 -9.61 33.36 -13.78
CA GLN A 253 -9.80 31.93 -14.07
C GLN A 253 -9.85 31.04 -12.84
N GLU A 254 -10.24 31.60 -11.71
CA GLU A 254 -10.17 30.88 -10.46
C GLU A 254 -11.13 29.69 -10.49
N GLN A 255 -12.27 29.84 -11.16
CA GLN A 255 -13.29 28.79 -11.15
C GLN A 255 -12.80 27.48 -11.79
N ARG A 256 -11.79 27.55 -12.64
CA ARG A 256 -11.33 26.37 -13.34
C ARG A 256 -10.48 25.44 -12.50
N TYR A 257 -10.10 25.88 -11.30
CA TYR A 257 -9.20 25.13 -10.41
C TYR A 257 -9.92 24.61 -9.21
N THR A 258 -9.56 23.39 -8.82
CA THR A 258 -10.11 22.74 -7.65
C THR A 258 -9.02 22.08 -6.85
N CYS A 259 -9.21 22.02 -5.54
CA CYS A 259 -8.27 21.35 -4.65
C CYS A 259 -8.88 20.08 -4.09
N HIS A 260 -8.13 19.00 -4.11
CA HIS A 260 -8.65 17.72 -3.68
C HIS A 260 -7.90 17.24 -2.47
N VAL A 261 -8.63 16.85 -1.43
CA VAL A 261 -7.96 16.46 -0.21
C VAL A 261 -8.39 15.09 0.21
N GLN A 262 -7.36 14.27 0.47
CA GLN A 262 -7.48 12.87 0.84
C GLN A 262 -6.81 12.59 2.20
N HIS A 263 -7.53 11.89 3.05
CA HIS A 263 -7.10 11.61 4.39
C HIS A 263 -7.91 10.46 4.93
N GLU A 264 -7.33 9.70 5.84
CA GLU A 264 -7.98 8.54 6.47
C GLU A 264 -9.38 8.87 6.98
N GLY A 265 -9.56 10.06 7.53
CA GLY A 265 -10.88 10.50 8.01
C GLY A 265 -11.87 11.02 6.98
N LEU A 266 -11.54 10.92 5.69
CA LEU A 266 -12.38 11.37 4.59
C LEU A 266 -12.51 10.27 3.53
N PRO A 267 -13.06 9.11 3.92
CA PRO A 267 -13.19 8.02 2.96
C PRO A 267 -13.56 8.52 1.55
N LYS A 268 -14.49 9.47 1.47
CA LYS A 268 -14.70 10.20 0.19
C LYS A 268 -14.11 11.59 0.26
N PRO A 269 -13.08 11.79 -0.55
CA PRO A 269 -12.26 12.99 -0.54
C PRO A 269 -13.08 14.24 -0.82
N LEU A 270 -12.57 15.38 -0.34
CA LEU A 270 -13.21 16.67 -0.51
C LEU A 270 -12.66 17.38 -1.69
N THR A 271 -13.48 18.25 -2.26
CA THR A 271 -12.94 19.11 -3.23
C THR A 271 -13.38 20.49 -2.90
N LEU A 272 -12.49 21.44 -3.12
CA LEU A 272 -12.75 22.83 -2.79
C LEU A 272 -12.51 23.78 -3.96
N ARG A 273 -13.21 24.90 -3.89
CA ARG A 273 -13.28 25.85 -4.96
C ARG A 273 -13.24 27.21 -4.38
N TRP A 274 -12.76 28.20 -5.12
CA TRP A 274 -12.90 29.58 -4.67
C TRP A 274 -14.32 30.07 -4.84
N GLU A 275 -14.98 30.35 -3.70
CA GLU A 275 -16.28 31.04 -3.71
C GLU A 275 -16.04 32.53 -3.83
N PRO A 276 -16.42 33.15 -4.97
CA PRO A 276 -16.25 34.61 -5.09
C PRO A 276 -17.32 35.33 -4.25
N MET B 1 30.24 13.15 5.89
CA MET B 1 29.57 14.28 6.62
C MET B 1 28.81 15.17 5.65
N ILE B 2 27.50 15.30 5.86
CA ILE B 2 26.70 16.23 5.06
C ILE B 2 25.95 17.21 5.95
N GLN B 3 25.61 18.36 5.36
CA GLN B 3 24.91 19.43 6.05
C GLN B 3 23.71 19.87 5.26
N ARG B 4 22.57 19.99 5.93
CA ARG B 4 21.35 20.40 5.31
C ARG B 4 20.86 21.59 6.13
N THR B 5 20.58 22.68 5.44
CA THR B 5 20.13 23.90 6.05
C THR B 5 18.66 23.74 6.45
N PRO B 6 18.23 24.31 7.58
CA PRO B 6 16.84 24.07 8.03
C PRO B 6 15.79 24.74 7.17
N LYS B 7 14.65 24.10 7.00
CA LYS B 7 13.47 24.79 6.50
C LYS B 7 12.81 25.36 7.73
N ILE B 8 12.04 26.42 7.58
CA ILE B 8 11.46 27.12 8.73
C ILE B 8 10.02 27.46 8.42
N GLN B 9 9.11 27.22 9.35
CA GLN B 9 7.75 27.70 9.20
C GLN B 9 7.35 28.39 10.44
N VAL B 10 6.61 29.47 10.30
CA VAL B 10 6.11 30.24 11.43
C VAL B 10 4.59 30.38 11.33
N TYR B 11 3.89 30.06 12.39
CA TYR B 11 2.46 29.94 12.30
C TYR B 11 1.84 29.81 13.66
N SER B 12 0.54 29.96 13.71
CA SER B 12 -0.21 29.79 14.93
C SER B 12 -0.82 28.40 15.03
N ARG B 13 -1.11 27.98 16.25
CA ARG B 13 -1.73 26.68 16.46
C ARG B 13 -3.17 26.66 15.96
N HIS B 14 -3.91 27.73 16.21
CA HIS B 14 -5.27 27.89 15.72
C HIS B 14 -5.34 29.12 14.84
N PRO B 15 -6.39 29.23 14.00
CA PRO B 15 -6.47 30.43 13.19
C PRO B 15 -6.50 31.66 14.09
N ALA B 16 -5.79 32.70 13.68
CA ALA B 16 -5.59 33.87 14.50
C ALA B 16 -6.83 34.73 14.52
N GLU B 17 -7.10 35.31 15.68
CA GLU B 17 -8.09 36.35 15.83
C GLU B 17 -7.53 37.29 16.83
N ASN B 18 -7.51 38.57 16.52
CA ASN B 18 -6.92 39.54 17.43
C ASN B 18 -7.58 39.43 18.80
N GLY B 19 -6.75 39.40 19.83
CA GLY B 19 -7.23 39.41 21.20
C GLY B 19 -7.63 38.06 21.76
N LYS B 20 -7.45 36.98 21.00
CA LYS B 20 -7.72 35.61 21.49
C LYS B 20 -6.40 34.87 21.70
N SER B 21 -6.26 34.27 22.87
CA SER B 21 -5.06 33.54 23.23
C SER B 21 -4.84 32.43 22.23
N ASN B 22 -3.59 32.12 21.96
CA ASN B 22 -3.23 31.18 20.90
C ASN B 22 -1.83 30.67 21.20
N PHE B 23 -1.19 30.02 20.25
CA PHE B 23 0.19 29.63 20.40
C PHE B 23 0.92 29.97 19.15
N LEU B 24 2.12 30.49 19.31
CA LEU B 24 2.95 30.82 18.18
C LEU B 24 3.97 29.73 18.07
N ASN B 25 4.20 29.25 16.84
CA ASN B 25 5.06 28.12 16.59
C ASN B 25 6.15 28.46 15.60
N CYS B 26 7.31 27.89 15.83
CA CYS B 26 8.37 27.86 14.84
C CYS B 26 8.81 26.41 14.63
N TYR B 27 8.46 25.82 13.49
CA TYR B 27 8.89 24.44 13.14
C TYR B 27 10.11 24.57 12.27
N VAL B 28 11.21 23.95 12.71
CA VAL B 28 12.45 23.88 11.94
C VAL B 28 12.66 22.41 11.59
N SER B 29 12.95 22.12 10.31
CA SER B 29 13.11 20.74 9.88
C SER B 29 14.09 20.56 8.71
N GLY B 30 14.36 19.30 8.39
CA GLY B 30 15.22 18.99 7.26
C GLY B 30 16.66 19.42 7.46
N PHE B 31 17.10 19.56 8.71
CA PHE B 31 18.45 20.08 8.96
C PHE B 31 19.39 19.05 9.55
N HIS B 32 20.67 19.29 9.36
CA HIS B 32 21.73 18.43 9.88
C HIS B 32 23.07 19.22 9.88
N PRO B 33 23.78 19.25 11.01
CA PRO B 33 23.56 18.43 12.19
C PRO B 33 22.56 19.02 13.15
N SER B 34 22.45 18.44 14.35
CA SER B 34 21.36 18.72 15.27
C SER B 34 21.43 20.07 16.00
N ASP B 35 22.63 20.60 16.25
CA ASP B 35 22.75 21.86 16.99
C ASP B 35 22.11 22.98 16.19
N ILE B 36 21.29 23.75 16.88
CA ILE B 36 20.54 24.81 16.29
C ILE B 36 20.03 25.81 17.35
N GLU B 37 20.03 27.08 17.02
CA GLU B 37 19.54 28.09 17.93
C GLU B 37 18.29 28.67 17.32
N VAL B 38 17.19 28.63 18.06
CA VAL B 38 15.96 29.21 17.63
C VAL B 38 15.32 30.10 18.70
N ASP B 39 15.00 31.34 18.34
CA ASP B 39 14.29 32.24 19.21
C ASP B 39 13.04 32.73 18.54
N LEU B 40 12.01 32.92 19.35
CA LEU B 40 10.82 33.63 18.95
C LEU B 40 10.94 35.08 19.37
N LEU B 41 10.56 35.97 18.47
CA LEU B 41 10.71 37.38 18.73
C LEU B 41 9.36 38.05 18.75
N LYS B 42 9.28 39.11 19.54
CA LYS B 42 8.16 40.01 19.54
C LYS B 42 8.73 41.38 19.39
N ASN B 43 8.34 42.02 18.30
CA ASN B 43 8.87 43.30 17.90
C ASN B 43 10.40 43.36 17.97
N GLY B 44 11.05 42.26 17.55
CA GLY B 44 12.50 42.21 17.46
C GLY B 44 13.20 41.73 18.71
N GLU B 45 12.43 41.62 19.81
CA GLU B 45 12.99 41.22 21.07
C GLU B 45 12.73 39.79 21.35
N ARG B 46 13.71 39.14 21.96
CA ARG B 46 13.65 37.74 22.29
C ARG B 46 12.68 37.44 23.41
N ILE B 47 11.82 36.45 23.21
CA ILE B 47 10.87 36.03 24.23
C ILE B 47 11.54 34.96 25.09
N GLU B 48 11.57 35.14 26.39
CA GLU B 48 12.34 34.22 27.20
C GLU B 48 11.71 32.84 27.50
N LYS B 49 10.40 32.75 27.71
CA LYS B 49 9.72 31.43 27.94
C LYS B 49 9.15 30.78 26.66
N VAL B 50 9.95 29.93 26.06
CA VAL B 50 9.61 29.25 24.83
C VAL B 50 9.86 27.78 25.09
N GLU B 51 8.95 26.89 24.74
CA GLU B 51 9.22 25.48 24.95
C GLU B 51 9.57 24.79 23.64
N HIS B 52 10.04 23.54 23.69
CA HIS B 52 10.42 22.85 22.47
C HIS B 52 10.21 21.36 22.59
N SER B 53 9.85 20.75 21.47
CA SER B 53 9.69 19.32 21.38
C SER B 53 11.05 18.67 21.54
N ASP B 54 11.06 17.37 21.74
CA ASP B 54 12.29 16.65 21.86
C ASP B 54 12.81 16.37 20.50
N LEU B 55 14.13 16.39 20.39
CA LEU B 55 14.77 16.18 19.11
C LEU B 55 14.36 14.85 18.48
N SER B 56 13.92 14.92 17.24
CA SER B 56 13.59 13.72 16.48
C SER B 56 14.06 13.85 15.03
N PHE B 57 13.85 12.80 14.23
CA PHE B 57 14.28 12.85 12.87
C PHE B 57 13.48 12.08 11.85
N SER B 58 13.68 12.45 10.59
CA SER B 58 12.91 11.90 9.50
C SER B 58 13.59 10.72 8.83
N LYS B 59 12.91 10.20 7.82
CA LYS B 59 13.37 9.07 7.07
C LYS B 59 14.73 9.30 6.45
N ASP B 60 14.99 10.54 6.05
CA ASP B 60 16.32 10.91 5.48
C ASP B 60 17.41 11.22 6.54
N TRP B 61 17.05 11.07 7.82
CA TRP B 61 17.93 11.33 8.98
C TRP B 61 18.04 12.77 9.38
N SER B 62 17.37 13.66 8.65
CA SER B 62 17.37 15.09 9.00
C SER B 62 16.47 15.34 10.21
N PHE B 63 16.84 16.32 11.02
CA PHE B 63 16.12 16.59 12.24
C PHE B 63 14.96 17.57 12.12
N TYR B 64 14.04 17.48 13.06
CA TYR B 64 13.02 18.49 13.18
C TYR B 64 12.73 18.82 14.65
N LEU B 65 12.29 20.05 14.88
CA LEU B 65 12.00 20.55 16.22
C LEU B 65 10.91 21.55 16.15
N LEU B 66 10.05 21.52 17.17
CA LEU B 66 9.02 22.53 17.30
C LEU B 66 9.30 23.43 18.52
N TYR B 67 9.44 24.73 18.28
CA TYR B 67 9.48 25.73 19.36
C TYR B 67 8.16 26.44 19.46
N TYR B 68 7.70 26.73 20.66
CA TYR B 68 6.41 27.38 20.83
C TYR B 68 6.24 28.16 22.11
N THR B 69 5.24 29.01 22.10
CA THR B 69 4.91 29.84 23.25
C THR B 69 3.49 30.41 23.14
N GLU B 70 2.85 30.67 24.28
CA GLU B 70 1.52 31.25 24.31
C GLU B 70 1.65 32.65 23.78
N PHE B 71 0.63 33.11 23.05
CA PHE B 71 0.54 34.52 22.64
C PHE B 71 -0.86 34.91 22.22
N THR B 72 -1.05 36.20 22.03
CA THR B 72 -2.31 36.78 21.67
C THR B 72 -2.09 37.73 20.53
N PRO B 73 -2.50 37.35 19.33
CA PRO B 73 -2.23 38.23 18.20
C PRO B 73 -2.96 39.54 18.34
N THR B 74 -2.38 40.58 17.74
CA THR B 74 -2.98 41.90 17.73
C THR B 74 -2.82 42.64 16.38
N GLU B 75 -3.58 43.71 16.19
CA GLU B 75 -3.47 44.52 14.99
C GLU B 75 -2.04 44.85 14.61
N LYS B 76 -1.23 45.36 15.55
CA LYS B 76 0.10 45.91 15.21
C LYS B 76 1.34 45.17 15.74
N ASP B 77 1.21 44.27 16.71
CA ASP B 77 2.38 43.51 17.20
C ASP B 77 3.00 42.60 16.12
N GLU B 78 4.32 42.46 16.09
CA GLU B 78 4.99 41.69 15.05
C GLU B 78 5.83 40.57 15.59
N TYR B 79 5.48 39.35 15.20
CA TYR B 79 6.17 38.20 15.70
C TYR B 79 6.99 37.52 14.62
N ALA B 80 8.13 36.98 15.02
CA ALA B 80 9.02 36.38 14.08
C ALA B 80 9.75 35.24 14.73
N CYS B 81 10.50 34.54 13.91
CA CYS B 81 11.35 33.43 14.32
C CYS B 81 12.80 33.67 13.81
N ARG B 82 13.78 33.59 14.71
CA ARG B 82 15.18 33.76 14.29
C ARG B 82 15.99 32.49 14.54
N VAL B 83 16.71 32.03 13.53
CA VAL B 83 17.35 30.72 13.54
C VAL B 83 18.79 30.77 13.12
N ASN B 84 19.61 29.98 13.80
CA ASN B 84 21.00 29.89 13.41
C ASN B 84 21.44 28.48 13.46
N HIS B 85 22.37 28.17 12.55
CA HIS B 85 22.82 26.82 12.29
C HIS B 85 24.14 26.89 11.55
N VAL B 86 24.99 25.87 11.62
CA VAL B 86 26.29 25.94 10.97
C VAL B 86 26.18 26.34 9.49
N THR B 87 25.11 25.88 8.89
CA THR B 87 24.80 26.08 7.50
C THR B 87 24.54 27.56 7.13
N LEU B 88 24.22 28.40 8.11
CA LEU B 88 23.90 29.80 7.89
C LEU B 88 24.97 30.73 8.42
N SER B 89 25.42 31.60 7.53
CA SER B 89 26.45 32.56 7.86
C SER B 89 25.89 33.73 8.63
N GLN B 90 24.59 33.75 8.85
CA GLN B 90 24.00 34.75 9.74
C GLN B 90 22.60 34.32 10.07
N PRO B 91 22.09 34.73 11.24
CA PRO B 91 20.76 34.22 11.63
C PRO B 91 19.69 34.61 10.60
N LYS B 92 18.76 33.70 10.39
CA LYS B 92 17.69 33.89 9.45
C LYS B 92 16.42 34.24 10.25
N ILE B 93 15.76 35.32 9.87
CA ILE B 93 14.58 35.77 10.55
C ILE B 93 13.41 35.59 9.62
N VAL B 94 12.41 34.84 10.09
CA VAL B 94 11.17 34.64 9.33
C VAL B 94 10.02 35.29 10.10
N LYS B 95 9.37 36.28 9.48
CA LYS B 95 8.24 36.98 10.11
C LYS B 95 7.02 36.13 10.01
N TRP B 96 6.17 36.19 11.00
CA TRP B 96 4.93 35.46 10.94
C TRP B 96 3.93 36.15 10.03
N ASP B 97 3.37 35.40 9.10
CA ASP B 97 2.26 35.88 8.30
C ASP B 97 0.95 35.15 8.68
N ARG B 98 -0.12 35.87 8.97
CA ARG B 98 -1.38 35.26 9.42
C ARG B 98 -1.91 34.22 8.46
N ASP B 99 -1.58 34.35 7.17
CA ASP B 99 -1.98 33.38 6.17
C ASP B 99 -0.84 32.58 5.48
N MET B 100 0.35 32.55 6.09
CA MET B 100 1.65 32.09 5.47
C MET B 100 2.05 32.62 4.07
N ILE C 1 7.91 -0.56 23.84
CA ILE C 1 9.02 -1.04 24.67
C ILE C 1 10.31 -1.21 23.86
N LEU C 2 11.41 -0.73 24.46
CA LEU C 2 12.75 -0.82 23.88
C LEU C 2 13.23 -2.27 23.74
N GLY C 3 14.16 -2.49 22.81
CA GLY C 3 14.78 -3.77 22.60
C GLY C 3 15.82 -3.94 23.67
N LYS C 4 16.12 -5.18 24.05
CA LYS C 4 17.20 -5.48 24.98
C LYS C 4 18.47 -5.63 24.18
N PHE C 5 19.05 -4.49 23.80
CA PHE C 5 20.10 -4.43 22.80
C PHE C 5 21.38 -3.90 23.37
N LEU C 6 22.38 -4.76 23.35
CA LEU C 6 23.76 -4.43 23.63
C LEU C 6 24.57 -4.62 22.37
N HIS C 7 24.56 -3.66 21.48
CA HIS C 7 25.18 -3.82 20.17
C HIS C 7 26.16 -2.74 19.93
N TRP C 8 27.34 -3.11 19.42
CA TRP C 8 28.37 -2.09 19.19
C TRP C 8 28.79 -2.10 17.75
N LEU C 9 28.95 -0.93 17.14
CA LEU C 9 29.41 -0.84 15.75
C LEU C 9 30.89 -1.26 15.59
N GLY D 1 8.86 -22.64 -8.51
CA GLY D 1 7.98 -22.69 -9.69
C GLY D 1 8.15 -21.44 -10.52
N SER D 2 7.41 -21.42 -11.62
CA SER D 2 7.30 -20.26 -12.47
C SER D 2 6.56 -19.16 -11.79
N HIS D 3 6.75 -17.95 -12.30
CA HIS D 3 6.01 -16.82 -11.84
C HIS D 3 5.66 -15.94 -13.03
N SER D 4 4.62 -15.15 -12.89
CA SER D 4 4.21 -14.26 -13.92
C SER D 4 3.78 -12.93 -13.30
N MET D 5 3.93 -11.89 -14.10
CA MET D 5 3.33 -10.60 -13.79
C MET D 5 2.46 -10.22 -14.95
N ARG D 6 1.28 -9.72 -14.64
CA ARG D 6 0.24 -9.54 -15.62
C ARG D 6 -0.55 -8.28 -15.33
N TYR D 7 -0.70 -7.40 -16.32
CA TYR D 7 -1.59 -6.24 -16.21
C TYR D 7 -2.75 -6.38 -17.19
N PHE D 8 -3.97 -6.18 -16.71
CA PHE D 8 -5.17 -6.28 -17.50
C PHE D 8 -5.91 -4.94 -17.53
N PHE D 9 -6.42 -4.54 -18.70
CA PHE D 9 -7.12 -3.29 -18.86
C PHE D 9 -8.43 -3.48 -19.63
N THR D 10 -9.49 -2.85 -19.17
CA THR D 10 -10.77 -2.89 -19.83
C THR D 10 -11.28 -1.46 -19.92
N SER D 11 -11.70 -1.02 -21.12
CA SER D 11 -12.45 0.24 -21.31
C SER D 11 -13.82 -0.07 -21.91
N VAL D 12 -14.85 0.65 -21.50
CA VAL D 12 -16.17 0.47 -22.06
C VAL D 12 -16.82 1.82 -22.36
N SER D 13 -17.20 2.01 -23.62
CA SER D 13 -17.87 3.23 -24.03
C SER D 13 -19.29 3.29 -23.46
N ARG D 14 -19.80 4.50 -23.32
CA ARG D 14 -21.11 4.75 -22.72
C ARG D 14 -21.75 5.84 -23.53
N PRO D 15 -22.66 5.49 -24.45
CA PRO D 15 -23.41 6.49 -25.22
C PRO D 15 -23.76 7.75 -24.39
N GLY D 16 -24.14 7.56 -23.14
CA GLY D 16 -24.31 8.69 -22.24
C GLY D 16 -23.08 9.60 -22.13
N ARG D 17 -21.98 9.09 -21.61
CA ARG D 17 -20.82 9.92 -21.23
C ARG D 17 -19.60 9.88 -22.15
N GLY D 18 -18.75 10.88 -22.02
CA GLY D 18 -17.61 11.09 -22.90
C GLY D 18 -16.39 10.31 -22.46
N GLU D 19 -16.32 10.12 -21.15
CA GLU D 19 -15.40 9.20 -20.49
C GLU D 19 -15.95 7.77 -20.45
N PRO D 20 -15.23 6.84 -21.08
CA PRO D 20 -15.51 5.43 -20.90
C PRO D 20 -15.10 4.98 -19.51
N ARG D 21 -15.75 3.93 -19.02
CA ARG D 21 -15.33 3.26 -17.80
C ARG D 21 -14.00 2.62 -18.08
N PHE D 22 -13.03 2.84 -17.22
CA PHE D 22 -11.73 2.23 -17.42
C PHE D 22 -11.34 1.55 -16.12
N ILE D 23 -11.02 0.27 -16.21
CA ILE D 23 -10.62 -0.48 -15.05
C ILE D 23 -9.36 -1.23 -15.36
N ALA D 24 -8.38 -1.08 -14.48
CA ALA D 24 -7.08 -1.71 -14.66
C ALA D 24 -6.68 -2.38 -13.37
N VAL D 25 -6.00 -3.49 -13.53
CA VAL D 25 -5.74 -4.40 -12.44
C VAL D 25 -4.39 -5.08 -12.72
N GLY D 26 -3.57 -5.25 -11.69
CA GLY D 26 -2.27 -5.89 -11.85
C GLY D 26 -2.15 -7.08 -10.95
N TYR D 27 -1.53 -8.14 -11.44
CA TYR D 27 -1.31 -9.37 -10.67
C TYR D 27 0.14 -9.76 -10.70
N VAL D 28 0.62 -10.38 -9.62
CA VAL D 28 1.71 -11.34 -9.81
C VAL D 28 1.21 -12.71 -9.40
N ASP D 29 1.48 -13.70 -10.24
CA ASP D 29 0.91 -15.01 -10.12
C ASP D 29 -0.58 -14.85 -9.90
N ASP D 30 -1.10 -15.49 -8.86
CA ASP D 30 -2.53 -15.55 -8.63
C ASP D 30 -3.01 -14.45 -7.68
N THR D 31 -2.17 -13.45 -7.40
CA THR D 31 -2.43 -12.42 -6.40
C THR D 31 -2.52 -11.05 -7.03
N GLN D 32 -3.70 -10.45 -6.95
CA GLN D 32 -3.90 -9.06 -7.37
C GLN D 32 -3.13 -8.11 -6.45
N PHE D 33 -2.39 -7.17 -7.01
CA PHE D 33 -1.63 -6.24 -6.16
C PHE D 33 -1.91 -4.76 -6.39
N VAL D 34 -2.64 -4.44 -7.44
CA VAL D 34 -2.82 -3.03 -7.74
C VAL D 34 -4.12 -2.82 -8.53
N ARG D 35 -4.72 -1.65 -8.43
CA ARG D 35 -5.94 -1.40 -9.21
C ARG D 35 -6.19 0.06 -9.48
N PHE D 36 -6.89 0.33 -10.59
CA PHE D 36 -7.39 1.66 -10.88
C PHE D 36 -8.78 1.57 -11.45
N ASP D 37 -9.67 2.45 -11.03
CA ASP D 37 -11.00 2.52 -11.62
C ASP D 37 -11.38 3.97 -11.88
N SER D 38 -11.56 4.32 -13.15
CA SER D 38 -11.88 5.69 -13.54
C SER D 38 -13.06 6.27 -12.81
N ASP D 39 -13.93 5.42 -12.24
CA ASP D 39 -15.10 5.89 -11.50
C ASP D 39 -14.92 6.02 -10.00
N ALA D 40 -13.75 5.70 -9.47
CA ALA D 40 -13.53 5.79 -8.02
C ALA D 40 -13.19 7.22 -7.65
N ALA D 41 -13.42 7.57 -6.39
CA ALA D 41 -13.15 8.95 -5.96
C ALA D 41 -11.65 9.25 -5.97
N SER D 42 -10.82 8.28 -5.57
CA SER D 42 -9.39 8.55 -5.34
C SER D 42 -8.68 9.13 -6.58
N GLN D 43 -9.10 8.71 -7.78
CA GLN D 43 -8.42 9.05 -9.03
C GLN D 43 -6.92 8.66 -9.03
N ARG D 44 -6.60 7.55 -8.35
CA ARG D 44 -5.25 7.11 -8.09
C ARG D 44 -5.13 5.60 -8.24
N MET D 45 -3.95 5.17 -8.67
CA MET D 45 -3.58 3.80 -8.56
C MET D 45 -3.58 3.41 -7.09
N GLU D 46 -4.28 2.33 -6.75
CA GLU D 46 -4.46 1.91 -5.36
C GLU D 46 -3.79 0.57 -5.10
N PRO D 47 -3.14 0.43 -3.93
CA PRO D 47 -2.66 -0.88 -3.53
C PRO D 47 -3.77 -1.87 -3.20
N ARG D 48 -3.56 -3.12 -3.57
CA ARG D 48 -4.48 -4.19 -3.20
C ARG D 48 -3.76 -5.38 -2.58
N ALA D 49 -2.49 -5.21 -2.24
CA ALA D 49 -1.76 -6.20 -1.49
C ALA D 49 -0.92 -5.48 -0.45
N PRO D 50 -0.80 -6.04 0.76
CA PRO D 50 0.01 -5.35 1.78
C PRO D 50 1.46 -5.00 1.37
N TRP D 51 2.17 -5.91 0.72
CA TRP D 51 3.60 -5.73 0.39
C TRP D 51 3.91 -4.64 -0.64
N ILE D 52 2.89 -4.14 -1.32
CA ILE D 52 3.12 -3.08 -2.26
C ILE D 52 3.00 -1.72 -1.57
N GLU D 53 2.33 -1.67 -0.41
CA GLU D 53 2.17 -0.41 0.37
C GLU D 53 3.48 0.25 0.80
N GLN D 54 4.54 -0.53 0.92
CA GLN D 54 5.85 0.00 1.27
C GLN D 54 6.36 0.97 0.19
N GLU D 55 6.10 0.71 -1.09
CA GLU D 55 6.68 1.53 -2.17
C GLU D 55 6.30 2.99 -2.00
N GLY D 56 7.25 3.85 -2.37
CA GLY D 56 7.17 5.26 -2.02
C GLY D 56 6.28 6.09 -2.91
N PRO D 57 6.02 7.34 -2.51
CA PRO D 57 5.11 8.25 -3.22
C PRO D 57 5.45 8.46 -4.67
N GLU D 58 6.74 8.46 -5.03
CA GLU D 58 7.15 8.57 -6.43
C GLU D 58 6.55 7.42 -7.23
N TYR D 59 6.55 6.23 -6.64
CA TYR D 59 6.00 5.04 -7.29
C TYR D 59 4.51 5.23 -7.63
N TRP D 60 3.71 5.58 -6.63
CA TRP D 60 2.27 5.79 -6.81
C TRP D 60 1.99 6.96 -7.76
N ASP D 61 2.78 8.02 -7.65
CA ASP D 61 2.68 9.10 -8.62
C ASP D 61 2.98 8.61 -10.05
N GLY D 62 4.05 7.87 -10.22
CA GLY D 62 4.40 7.39 -11.54
C GLY D 62 3.31 6.49 -12.06
N GLU D 63 2.89 5.53 -11.26
CA GLU D 63 1.95 4.55 -11.73
C GLU D 63 0.66 5.22 -12.15
N THR D 64 0.16 6.13 -11.31
CA THR D 64 -1.01 6.91 -11.62
C THR D 64 -0.90 7.72 -12.92
N ARG D 65 0.23 8.37 -13.18
CA ARG D 65 0.43 9.16 -14.40
C ARG D 65 0.20 8.22 -15.57
N LYS D 66 0.82 7.06 -15.47
CA LYS D 66 0.75 6.10 -16.53
C LYS D 66 -0.56 5.37 -16.71
N VAL D 67 -1.25 4.92 -15.65
CA VAL D 67 -2.57 4.29 -15.91
C VAL D 67 -3.49 5.26 -16.58
N LYS D 68 -3.45 6.53 -16.15
CA LYS D 68 -4.28 7.57 -16.79
C LYS D 68 -3.96 7.69 -18.27
N ALA D 69 -2.66 7.67 -18.62
CA ALA D 69 -2.27 7.68 -20.04
C ALA D 69 -2.84 6.50 -20.79
N HIS D 70 -2.75 5.32 -20.20
CA HIS D 70 -3.31 4.12 -20.83
C HIS D 70 -4.81 4.25 -21.11
N SER D 71 -5.52 4.89 -20.20
CA SER D 71 -6.93 5.03 -20.34
C SER D 71 -7.19 6.00 -21.49
N GLN D 72 -6.35 7.01 -21.63
CA GLN D 72 -6.50 7.95 -22.74
C GLN D 72 -6.28 7.28 -24.10
N THR D 73 -5.31 6.36 -24.20
CA THR D 73 -5.09 5.69 -25.47
C THR D 73 -6.32 4.87 -25.82
N HIS D 74 -6.83 4.10 -24.85
CA HIS D 74 -8.09 3.37 -25.02
C HIS D 74 -9.26 4.26 -25.40
N ARG D 75 -9.35 5.43 -24.79
CA ARG D 75 -10.41 6.34 -25.16
C ARG D 75 -10.36 6.53 -26.68
N VAL D 76 -9.18 6.83 -27.21
CA VAL D 76 -9.00 7.13 -28.61
C VAL D 76 -9.20 5.84 -29.40
N ASP D 77 -8.75 4.72 -28.87
CA ASP D 77 -8.89 3.47 -29.61
C ASP D 77 -10.36 3.16 -29.89
N LEU D 78 -11.24 3.46 -28.94
CA LEU D 78 -12.67 3.16 -29.15
C LEU D 78 -13.20 3.93 -30.33
N GLY D 79 -12.82 5.20 -30.45
CA GLY D 79 -13.19 6.01 -31.61
C GLY D 79 -12.59 5.45 -32.89
N THR D 80 -11.33 5.08 -32.83
CA THR D 80 -10.63 4.60 -34.00
C THR D 80 -11.32 3.37 -34.54
N LEU D 81 -11.66 2.45 -33.65
CA LEU D 81 -12.30 1.20 -34.07
C LEU D 81 -13.73 1.37 -34.58
N ARG D 82 -14.48 2.32 -34.03
CA ARG D 82 -15.80 2.61 -34.57
C ARG D 82 -15.67 3.01 -36.04
N GLY D 83 -14.62 3.80 -36.32
CA GLY D 83 -14.25 4.13 -37.70
C GLY D 83 -13.90 2.92 -38.56
N TYR D 84 -12.95 2.08 -38.09
CA TYR D 84 -12.48 0.95 -38.89
C TYR D 84 -13.58 0.01 -39.25
N TYR D 85 -14.40 -0.33 -38.28
CA TYR D 85 -15.53 -1.23 -38.51
C TYR D 85 -16.79 -0.52 -39.01
N ASN D 86 -16.73 0.79 -39.18
CA ASN D 86 -17.85 1.58 -39.66
C ASN D 86 -19.13 1.36 -38.85
N GLN D 87 -19.04 1.50 -37.53
CA GLN D 87 -20.17 1.30 -36.62
C GLN D 87 -20.79 2.63 -36.21
N SER D 88 -22.06 2.59 -35.87
CA SER D 88 -22.75 3.77 -35.35
C SER D 88 -22.36 4.08 -33.90
N GLU D 89 -22.87 5.21 -33.43
CA GLU D 89 -22.67 5.67 -32.05
C GLU D 89 -23.61 4.96 -31.06
N ALA D 90 -24.68 4.37 -31.55
CA ALA D 90 -25.61 3.64 -30.69
C ALA D 90 -25.01 2.64 -29.72
N GLY D 91 -24.32 1.63 -30.21
CA GLY D 91 -23.81 0.60 -29.31
C GLY D 91 -22.76 1.05 -28.29
N SER D 92 -22.68 0.31 -27.20
CA SER D 92 -21.57 0.42 -26.30
C SER D 92 -20.55 -0.67 -26.70
N HIS D 93 -19.25 -0.33 -26.77
CA HIS D 93 -18.18 -1.29 -27.11
C HIS D 93 -17.09 -1.34 -26.06
N THR D 94 -16.24 -2.35 -26.20
CA THR D 94 -15.26 -2.73 -25.22
C THR D 94 -13.91 -3.02 -25.85
N VAL D 95 -12.87 -2.35 -25.33
CA VAL D 95 -11.48 -2.62 -25.68
C VAL D 95 -10.80 -3.23 -24.47
N GLN D 96 -10.02 -4.28 -24.69
CA GLN D 96 -9.26 -4.92 -23.63
C GLN D 96 -7.81 -5.10 -24.01
N ARG D 97 -6.93 -4.98 -23.03
CA ARG D 97 -5.50 -5.11 -23.22
C ARG D 97 -4.93 -5.94 -22.07
N MET D 98 -4.03 -6.87 -22.35
CA MET D 98 -3.21 -7.42 -21.29
C MET D 98 -1.79 -7.46 -21.77
N TYR D 99 -0.86 -7.25 -20.85
CA TYR D 99 0.52 -7.51 -21.12
C TYR D 99 1.23 -8.03 -19.84
N GLY D 100 2.40 -8.63 -20.03
CA GLY D 100 3.12 -9.21 -18.94
C GLY D 100 4.23 -10.11 -19.37
N CYS D 101 4.97 -10.61 -18.38
CA CYS D 101 6.02 -11.57 -18.63
C CYS D 101 5.89 -12.79 -17.72
N ASP D 102 6.47 -13.90 -18.15
CA ASP D 102 6.66 -15.08 -17.32
C ASP D 102 8.18 -15.31 -17.05
N VAL D 103 8.51 -15.78 -15.86
CA VAL D 103 9.86 -16.29 -15.58
C VAL D 103 9.74 -17.68 -15.00
N GLY D 104 10.83 -18.43 -15.14
CA GLY D 104 10.91 -19.79 -14.67
C GLY D 104 11.44 -19.77 -13.27
N SER D 105 11.73 -20.94 -12.74
CA SER D 105 12.04 -21.08 -11.31
C SER D 105 13.41 -20.45 -11.01
N ASP D 106 14.28 -20.45 -12.00
CA ASP D 106 15.52 -19.67 -11.98
C ASP D 106 15.29 -18.12 -12.06
N TRP D 107 14.09 -17.67 -12.41
CA TRP D 107 13.73 -16.25 -12.49
C TRP D 107 14.27 -15.55 -13.73
N ARG D 108 14.67 -16.35 -14.71
CA ARG D 108 15.13 -15.83 -15.97
C ARG D 108 13.89 -15.70 -16.83
N PHE D 109 13.91 -14.74 -17.75
CA PHE D 109 12.81 -14.55 -18.71
C PHE D 109 12.43 -15.80 -19.46
N LEU D 110 11.14 -16.03 -19.56
CA LEU D 110 10.60 -17.22 -20.20
C LEU D 110 9.70 -16.89 -21.37
N ARG D 111 8.87 -15.88 -21.22
CA ARG D 111 7.95 -15.55 -22.28
C ARG D 111 7.27 -14.20 -22.05
N GLY D 112 6.90 -13.52 -23.13
CA GLY D 112 6.26 -12.21 -23.03
C GLY D 112 4.97 -12.17 -23.81
N TYR D 113 4.12 -11.23 -23.45
CA TYR D 113 2.77 -11.09 -24.02
C TYR D 113 2.35 -9.64 -24.12
N HIS D 114 1.57 -9.35 -25.16
CA HIS D 114 0.92 -8.07 -25.34
C HIS D 114 -0.21 -8.22 -26.38
N GLN D 115 -1.46 -8.13 -25.94
CA GLN D 115 -2.61 -8.46 -26.78
C GLN D 115 -3.74 -7.49 -26.59
N TYR D 116 -4.57 -7.32 -27.63
CA TYR D 116 -5.82 -6.56 -27.53
C TYR D 116 -6.99 -7.42 -27.96
N ALA D 117 -8.16 -7.07 -27.44
CA ALA D 117 -9.42 -7.62 -27.91
C ALA D 117 -10.41 -6.49 -28.15
N TYR D 118 -11.27 -6.64 -29.17
CA TYR D 118 -12.41 -5.69 -29.40
C TYR D 118 -13.73 -6.45 -29.30
N ASP D 119 -14.59 -6.03 -28.37
CA ASP D 119 -15.85 -6.72 -28.10
C ASP D 119 -15.65 -8.23 -27.87
N GLY D 120 -14.63 -8.58 -27.11
CA GLY D 120 -14.42 -9.97 -26.69
C GLY D 120 -13.84 -10.92 -27.73
N LYS D 121 -13.34 -10.35 -28.82
CA LYS D 121 -12.69 -11.11 -29.87
C LYS D 121 -11.25 -10.62 -29.95
N ASP D 122 -10.30 -11.54 -30.08
CA ASP D 122 -8.90 -11.24 -30.44
C ASP D 122 -8.82 -10.19 -31.51
N TYR D 123 -8.09 -9.11 -31.25
CA TYR D 123 -7.89 -8.08 -32.24
C TYR D 123 -6.47 -8.14 -32.79
N ILE D 124 -5.49 -7.97 -31.92
CA ILE D 124 -4.11 -8.07 -32.32
C ILE D 124 -3.26 -8.55 -31.16
N ALA D 125 -2.19 -9.29 -31.46
CA ALA D 125 -1.33 -9.93 -30.46
C ALA D 125 0.13 -10.01 -30.92
N LEU D 126 1.04 -9.68 -30.01
CA LEU D 126 2.45 -9.84 -30.25
C LEU D 126 2.78 -11.32 -30.25
N LYS D 127 3.61 -11.81 -31.15
CA LYS D 127 3.91 -13.24 -31.18
C LYS D 127 5.06 -13.56 -30.24
N GLU D 128 5.26 -14.83 -29.95
CA GLU D 128 6.20 -15.24 -28.93
C GLU D 128 7.62 -14.73 -29.23
N ASP D 129 7.99 -14.64 -30.51
CA ASP D 129 9.27 -14.00 -30.92
C ASP D 129 9.43 -12.49 -30.57
N LEU D 130 8.35 -11.79 -30.25
CA LEU D 130 8.38 -10.36 -29.89
C LEU D 130 8.88 -9.51 -31.04
N ARG D 131 8.66 -9.97 -32.26
CA ARG D 131 9.09 -9.32 -33.46
C ARG D 131 7.94 -9.00 -34.37
N SER D 132 6.88 -9.76 -34.26
CA SER D 132 5.84 -9.77 -35.26
C SER D 132 4.47 -9.91 -34.59
N TRP D 133 3.41 -9.75 -35.39
CA TRP D 133 2.06 -9.58 -34.89
C TRP D 133 1.07 -10.54 -35.55
N THR D 134 0.10 -11.02 -34.77
CA THR D 134 -1.08 -11.73 -35.30
C THR D 134 -2.20 -10.74 -35.41
N ALA D 135 -2.74 -10.61 -36.62
CA ALA D 135 -3.76 -9.63 -36.93
C ALA D 135 -4.97 -10.36 -37.47
N ALA D 136 -6.06 -10.33 -36.71
CA ALA D 136 -7.32 -10.92 -37.14
C ALA D 136 -7.76 -10.62 -38.64
N ASP D 137 -8.01 -9.35 -38.98
CA ASP D 137 -8.78 -8.93 -40.16
C ASP D 137 -8.30 -7.57 -40.69
N MET D 138 -8.96 -7.01 -41.71
CA MET D 138 -8.55 -5.73 -42.34
C MET D 138 -8.17 -4.67 -41.31
N ALA D 139 -9.02 -4.51 -40.32
CA ALA D 139 -8.83 -3.47 -39.33
C ALA D 139 -7.56 -3.68 -38.52
N ALA D 140 -7.42 -4.87 -37.97
CA ALA D 140 -6.23 -5.26 -37.21
C ALA D 140 -4.99 -5.22 -38.06
N GLN D 141 -5.10 -5.56 -39.35
CA GLN D 141 -3.98 -5.39 -40.25
C GLN D 141 -3.56 -3.93 -40.45
N THR D 142 -4.53 -3.03 -40.43
CA THR D 142 -4.20 -1.65 -40.52
C THR D 142 -3.36 -1.26 -39.30
N THR D 143 -3.81 -1.64 -38.12
CA THR D 143 -3.06 -1.39 -36.92
C THR D 143 -1.67 -1.99 -37.03
N LYS D 144 -1.60 -3.24 -37.46
CA LYS D 144 -0.33 -3.95 -37.60
C LYS D 144 0.67 -3.18 -38.44
N HIS D 145 0.25 -2.73 -39.61
CA HIS D 145 1.13 -1.98 -40.47
C HIS D 145 1.55 -0.67 -39.80
N LYS D 146 0.68 -0.04 -39.02
CA LYS D 146 1.01 1.22 -38.36
C LYS D 146 2.13 0.99 -37.36
N TRP D 147 1.96 -0.08 -36.58
CA TRP D 147 2.87 -0.49 -35.53
C TRP D 147 4.21 -1.07 -35.98
N GLU D 148 4.21 -1.72 -37.15
CA GLU D 148 5.45 -2.09 -37.81
C GLU D 148 6.29 -0.88 -38.16
N ALA D 149 5.67 0.16 -38.72
CA ALA D 149 6.41 1.33 -39.20
C ALA D 149 6.92 2.16 -38.04
N ALA D 150 6.18 2.14 -36.94
CA ALA D 150 6.58 2.81 -35.73
C ALA D 150 7.47 1.95 -34.79
N HIS D 151 7.76 0.70 -35.18
CA HIS D 151 8.60 -0.23 -34.40
C HIS D 151 8.17 -0.39 -32.96
N VAL D 152 6.87 -0.53 -32.80
CA VAL D 152 6.31 -0.74 -31.49
C VAL D 152 6.85 -2.01 -30.86
N ALA D 153 6.96 -3.05 -31.67
CA ALA D 153 7.43 -4.33 -31.20
C ALA D 153 8.77 -4.18 -30.49
N GLU D 154 9.73 -3.45 -31.07
CA GLU D 154 11.02 -3.18 -30.42
C GLU D 154 10.86 -2.50 -29.05
N GLN D 155 10.01 -1.49 -28.99
CA GLN D 155 9.75 -0.86 -27.73
C GLN D 155 9.22 -1.87 -26.72
N LEU D 156 8.31 -2.73 -27.13
CA LEU D 156 7.74 -3.71 -26.22
C LEU D 156 8.72 -4.77 -25.74
N ARG D 157 9.61 -5.15 -26.63
CA ARG D 157 10.56 -6.19 -26.31
C ARG D 157 11.47 -5.68 -25.16
N ALA D 158 11.90 -4.43 -25.23
CA ALA D 158 12.73 -3.86 -24.20
C ALA D 158 12.00 -3.84 -22.84
N TYR D 159 10.70 -3.61 -22.83
CA TYR D 159 9.96 -3.59 -21.56
C TYR D 159 9.82 -5.03 -21.01
N LEU D 160 9.41 -5.92 -21.89
CA LEU D 160 9.03 -7.25 -21.51
C LEU D 160 10.22 -8.05 -21.03
N GLU D 161 11.35 -7.90 -21.69
CA GLU D 161 12.55 -8.65 -21.32
C GLU D 161 13.33 -8.04 -20.16
N GLY D 162 13.20 -6.73 -19.97
CA GLY D 162 14.01 -6.02 -18.97
C GLY D 162 13.14 -5.60 -17.81
N THR D 163 12.53 -4.44 -17.95
CA THR D 163 11.74 -3.85 -16.89
C THR D 163 10.73 -4.82 -16.26
N CYS D 164 9.96 -5.49 -17.11
CA CYS D 164 8.91 -6.36 -16.62
C CYS D 164 9.50 -7.41 -15.66
N VAL D 165 10.61 -8.00 -16.07
CA VAL D 165 11.31 -9.01 -15.30
C VAL D 165 11.95 -8.41 -14.06
N GLU D 166 12.64 -7.29 -14.19
CA GLU D 166 13.28 -6.65 -13.06
C GLU D 166 12.31 -6.34 -11.94
N TRP D 167 11.11 -5.89 -12.30
CA TRP D 167 10.12 -5.52 -11.31
C TRP D 167 9.36 -6.71 -10.77
N LEU D 168 9.17 -7.72 -11.60
CA LEU D 168 8.64 -8.98 -11.12
C LEU D 168 9.52 -9.51 -9.97
N ARG D 169 10.84 -9.55 -10.18
CA ARG D 169 11.75 -10.04 -9.16
C ARG D 169 11.62 -9.22 -7.90
N ARG D 170 11.55 -7.92 -8.09
CA ARG D 170 11.55 -7.02 -6.96
C ARG D 170 10.33 -7.36 -6.09
N TYR D 171 9.18 -7.49 -6.73
CA TYR D 171 7.97 -7.84 -6.04
C TYR D 171 8.04 -9.19 -5.35
N LEU D 172 8.57 -10.19 -6.03
CA LEU D 172 8.73 -11.50 -5.39
C LEU D 172 9.66 -11.53 -4.19
N GLU D 173 10.59 -10.57 -4.10
CA GLU D 173 11.43 -10.43 -2.93
C GLU D 173 10.75 -9.63 -1.82
N ASN D 174 10.00 -8.57 -2.12
CA ASN D 174 9.14 -7.92 -1.10
C ASN D 174 7.81 -8.67 -0.97
N GLY D 175 7.39 -9.00 0.24
CA GLY D 175 6.29 -9.96 0.31
C GLY D 175 6.63 -11.25 -0.45
N LYS D 176 7.88 -11.66 -0.26
CA LYS D 176 8.29 -13.04 -0.31
C LYS D 176 7.29 -13.90 0.44
N GLU D 177 6.92 -13.44 1.63
CA GLU D 177 6.19 -14.30 2.55
C GLU D 177 4.75 -14.55 2.16
N THR D 178 4.23 -13.83 1.17
CA THR D 178 2.92 -14.15 0.61
C THR D 178 3.05 -14.84 -0.76
N LEU D 179 3.93 -14.32 -1.61
CA LEU D 179 4.05 -14.80 -2.98
C LEU D 179 4.84 -16.11 -3.17
N GLN D 180 5.80 -16.42 -2.31
CA GLN D 180 6.58 -17.64 -2.44
C GLN D 180 6.17 -18.67 -1.44
N ARG D 181 5.09 -18.39 -0.71
CA ARG D 181 4.51 -19.39 0.18
C ARG D 181 3.85 -20.43 -0.68
N THR D 182 3.83 -21.67 -0.21
CA THR D 182 2.89 -22.65 -0.72
C THR D 182 2.08 -23.16 0.46
N ASP D 183 0.75 -23.15 0.30
CA ASP D 183 -0.21 -23.67 1.28
C ASP D 183 -0.83 -24.88 0.68
N ALA D 184 -0.49 -26.02 1.28
CA ALA D 184 -0.98 -27.32 0.83
C ALA D 184 -2.46 -27.38 1.08
N PRO D 185 -3.21 -27.96 0.14
CA PRO D 185 -4.65 -28.10 0.34
C PRO D 185 -5.02 -29.00 1.49
N LYS D 186 -6.06 -28.60 2.22
CA LYS D 186 -6.68 -29.41 3.23
C LYS D 186 -7.82 -30.12 2.54
N THR D 187 -7.99 -31.38 2.86
CA THR D 187 -8.60 -32.29 1.96
C THR D 187 -9.56 -33.20 2.70
N HIS D 188 -10.66 -33.60 2.08
CA HIS D 188 -11.60 -34.56 2.68
C HIS D 188 -12.59 -35.10 1.62
N MET D 189 -13.36 -36.11 1.98
CA MET D 189 -14.31 -36.71 1.04
C MET D 189 -15.73 -36.77 1.57
N THR D 190 -16.71 -36.66 0.67
CA THR D 190 -18.11 -36.75 1.04
C THR D 190 -18.77 -37.75 0.15
N HIS D 191 -19.92 -38.25 0.58
CA HIS D 191 -20.64 -39.34 -0.09
C HIS D 191 -22.09 -39.02 -0.18
N HIS D 192 -22.73 -39.35 -1.29
CA HIS D 192 -24.16 -39.02 -1.46
C HIS D 192 -24.85 -40.22 -2.06
N ALA D 193 -26.00 -40.59 -1.54
CA ALA D 193 -26.78 -41.64 -2.14
C ALA D 193 -27.69 -40.98 -3.17
N VAL D 194 -27.29 -41.00 -4.41
CA VAL D 194 -28.06 -40.26 -5.38
C VAL D 194 -29.29 -41.07 -5.75
N SER D 195 -29.11 -42.38 -5.87
CA SER D 195 -30.24 -43.31 -5.98
C SER D 195 -29.88 -44.60 -5.24
N ASP D 196 -30.73 -45.61 -5.29
CA ASP D 196 -30.41 -46.90 -4.69
C ASP D 196 -29.21 -47.56 -5.36
N HIS D 197 -29.00 -47.30 -6.64
CA HIS D 197 -27.94 -48.01 -7.39
C HIS D 197 -26.70 -47.14 -7.61
N GLU D 198 -26.76 -45.85 -7.27
CA GLU D 198 -25.68 -44.91 -7.57
C GLU D 198 -25.26 -44.07 -6.39
N ALA D 199 -23.97 -43.82 -6.29
CA ALA D 199 -23.49 -42.93 -5.27
C ALA D 199 -22.48 -41.96 -5.84
N THR D 200 -22.43 -40.74 -5.32
CA THR D 200 -21.34 -39.86 -5.71
C THR D 200 -20.39 -39.72 -4.56
N LEU D 201 -19.11 -39.73 -4.92
CA LEU D 201 -18.04 -39.45 -4.04
C LEU D 201 -17.51 -38.13 -4.53
N ARG D 202 -17.27 -37.22 -3.59
CA ARG D 202 -16.70 -35.94 -3.90
C ARG D 202 -15.47 -35.70 -3.06
N CYS D 203 -14.43 -35.28 -3.76
CA CYS D 203 -13.12 -35.13 -3.18
C CYS D 203 -12.80 -33.63 -3.10
N TRP D 204 -12.47 -33.15 -1.91
CA TRP D 204 -12.30 -31.71 -1.68
C TRP D 204 -10.87 -31.27 -1.45
N ALA D 205 -10.49 -30.14 -2.04
CA ALA D 205 -9.24 -29.48 -1.73
C ALA D 205 -9.57 -28.04 -1.38
N LEU D 206 -9.13 -27.63 -0.19
CA LEU D 206 -9.47 -26.33 0.40
C LEU D 206 -8.22 -25.55 0.80
N SER D 207 -8.33 -24.22 0.83
CA SER D 207 -7.33 -23.38 1.48
C SER D 207 -5.93 -23.52 0.90
N PHE D 208 -5.82 -23.63 -0.42
CA PHE D 208 -4.51 -23.86 -1.03
C PHE D 208 -4.05 -22.71 -1.90
N TYR D 209 -2.75 -22.65 -2.11
CA TYR D 209 -2.09 -21.60 -2.89
C TYR D 209 -0.74 -22.11 -3.32
N PRO D 210 -0.38 -21.95 -4.59
CA PRO D 210 -1.19 -21.24 -5.60
C PRO D 210 -2.30 -22.10 -6.17
N ALA D 211 -3.00 -21.53 -7.13
CA ALA D 211 -4.18 -22.16 -7.68
C ALA D 211 -3.93 -23.41 -8.49
N GLU D 212 -2.77 -23.58 -9.11
CA GLU D 212 -2.58 -24.77 -9.91
C GLU D 212 -2.73 -25.99 -9.01
N ILE D 213 -3.48 -26.98 -9.49
CA ILE D 213 -3.72 -28.19 -8.72
C ILE D 213 -4.24 -29.24 -9.66
N THR D 214 -4.04 -30.51 -9.32
CA THR D 214 -4.62 -31.60 -10.07
C THR D 214 -5.32 -32.62 -9.18
N LEU D 215 -6.59 -32.82 -9.47
CA LEU D 215 -7.42 -33.82 -8.82
C LEU D 215 -7.81 -34.86 -9.85
N THR D 216 -7.61 -36.13 -9.53
CA THR D 216 -8.02 -37.20 -10.40
C THR D 216 -8.55 -38.33 -9.53
N TRP D 217 -9.42 -39.13 -10.14
CA TRP D 217 -10.00 -40.29 -9.48
C TRP D 217 -9.46 -41.53 -10.15
N GLN D 218 -9.31 -42.59 -9.38
CA GLN D 218 -8.90 -43.86 -9.95
C GLN D 218 -9.85 -44.91 -9.54
N ARG D 219 -9.94 -45.94 -10.37
CA ARG D 219 -10.71 -47.11 -10.08
C ARG D 219 -9.66 -48.19 -10.08
N ASP D 220 -9.59 -48.98 -9.02
CA ASP D 220 -8.57 -50.02 -8.88
C ASP D 220 -7.17 -49.56 -9.25
N GLY D 221 -6.84 -48.32 -8.93
CA GLY D 221 -5.52 -47.77 -9.23
C GLY D 221 -5.23 -47.30 -10.66
N GLU D 222 -6.26 -47.01 -11.46
CA GLU D 222 -6.08 -46.55 -12.84
C GLU D 222 -6.82 -45.24 -13.05
N ASP D 223 -6.18 -44.26 -13.69
CA ASP D 223 -6.79 -42.92 -13.88
C ASP D 223 -8.06 -42.96 -14.73
N GLN D 224 -9.11 -42.33 -14.21
CA GLN D 224 -10.38 -42.15 -14.93
C GLN D 224 -10.61 -40.66 -15.02
N THR D 225 -9.81 -39.96 -15.83
CA THR D 225 -9.95 -38.49 -15.94
C THR D 225 -11.23 -38.10 -16.69
N GLN D 226 -11.66 -38.96 -17.63
CA GLN D 226 -12.92 -38.78 -18.39
C GLN D 226 -14.16 -38.86 -17.49
N ASP D 227 -14.09 -39.66 -16.41
CA ASP D 227 -15.23 -39.89 -15.50
C ASP D 227 -15.30 -38.92 -14.33
N THR D 228 -14.42 -37.96 -14.33
CA THR D 228 -14.24 -37.12 -13.17
C THR D 228 -15.01 -35.85 -13.41
N GLU D 229 -16.02 -35.53 -12.60
CA GLU D 229 -16.70 -34.25 -12.75
C GLU D 229 -15.82 -33.28 -11.95
N LEU D 230 -15.29 -32.27 -12.62
CA LEU D 230 -14.46 -31.24 -11.97
C LEU D 230 -15.16 -29.93 -11.94
N VAL D 231 -14.84 -29.14 -10.95
CA VAL D 231 -15.37 -27.78 -10.87
C VAL D 231 -14.22 -26.84 -11.18
N GLU D 232 -14.51 -25.68 -11.73
CA GLU D 232 -13.46 -24.72 -12.05
C GLU D 232 -12.90 -24.21 -10.72
N THR D 233 -11.57 -24.17 -10.61
CA THR D 233 -10.92 -23.74 -9.36
C THR D 233 -11.44 -22.36 -9.03
N ARG D 234 -11.72 -22.11 -7.75
CA ARG D 234 -12.44 -20.91 -7.35
C ARG D 234 -11.82 -20.27 -6.09
N PRO D 235 -11.90 -18.93 -5.98
CA PRO D 235 -11.28 -18.25 -4.85
C PRO D 235 -12.14 -18.32 -3.59
N ALA D 236 -11.54 -18.64 -2.46
CA ALA D 236 -12.26 -18.49 -1.20
C ALA D 236 -12.54 -17.06 -0.76
N GLY D 237 -11.73 -16.09 -1.23
CA GLY D 237 -11.85 -14.67 -0.86
C GLY D 237 -10.94 -14.20 0.25
N ASP D 238 -10.01 -15.08 0.63
CA ASP D 238 -9.02 -14.81 1.68
C ASP D 238 -7.60 -15.09 1.16
N GLY D 239 -7.41 -15.14 -0.17
CA GLY D 239 -6.10 -15.36 -0.78
C GLY D 239 -5.87 -16.79 -1.22
N THR D 240 -6.81 -17.65 -0.85
CA THR D 240 -6.70 -19.09 -0.98
C THR D 240 -7.71 -19.59 -2.02
N PHE D 241 -7.56 -20.84 -2.46
CA PHE D 241 -8.42 -21.42 -3.50
C PHE D 241 -9.04 -22.76 -3.10
N GLN D 242 -10.05 -23.16 -3.87
CA GLN D 242 -10.85 -24.36 -3.60
C GLN D 242 -11.10 -25.10 -4.89
N LYS D 243 -11.21 -26.42 -4.80
CA LYS D 243 -11.68 -27.25 -5.90
C LYS D 243 -12.24 -28.57 -5.35
N TRP D 244 -13.20 -29.13 -6.06
CA TRP D 244 -13.60 -30.50 -5.85
C TRP D 244 -13.70 -31.27 -7.14
N ALA D 245 -13.63 -32.59 -6.98
CA ALA D 245 -13.82 -33.57 -8.06
C ALA D 245 -14.76 -34.65 -7.60
N ALA D 246 -15.77 -34.95 -8.42
CA ALA D 246 -16.72 -36.00 -8.05
C ALA D 246 -16.77 -37.10 -9.08
N VAL D 247 -17.21 -38.26 -8.65
CA VAL D 247 -17.43 -39.36 -9.55
C VAL D 247 -18.69 -40.10 -9.12
N VAL D 248 -19.45 -40.65 -10.05
CA VAL D 248 -20.61 -41.43 -9.64
C VAL D 248 -20.26 -42.85 -9.86
N VAL D 249 -20.63 -43.68 -8.90
CA VAL D 249 -20.13 -45.02 -8.83
C VAL D 249 -21.27 -45.97 -8.53
N PRO D 250 -21.12 -47.23 -8.89
CA PRO D 250 -22.16 -48.15 -8.49
C PRO D 250 -22.16 -48.25 -6.99
N SER D 251 -23.35 -48.41 -6.40
CA SER D 251 -23.54 -48.21 -4.99
C SER D 251 -22.79 -49.11 -4.02
N GLY D 252 -22.45 -50.34 -4.31
CA GLY D 252 -21.64 -51.02 -3.30
C GLY D 252 -20.13 -51.04 -3.52
N GLN D 253 -19.62 -50.21 -4.41
CA GLN D 253 -18.24 -50.34 -4.87
C GLN D 253 -17.33 -49.18 -4.51
N GLU D 254 -17.65 -48.47 -3.43
CA GLU D 254 -16.95 -47.26 -3.09
C GLU D 254 -15.51 -47.56 -2.80
N GLN D 255 -15.24 -48.73 -2.25
CA GLN D 255 -13.88 -49.04 -1.84
C GLN D 255 -12.89 -49.08 -3.02
N ARG D 256 -13.37 -49.30 -4.22
CA ARG D 256 -12.47 -49.43 -5.38
C ARG D 256 -11.94 -48.12 -5.94
N TYR D 257 -12.44 -47.01 -5.41
CA TYR D 257 -12.11 -45.69 -5.95
C TYR D 257 -11.28 -44.94 -4.95
N THR D 258 -10.29 -44.22 -5.48
CA THR D 258 -9.41 -43.39 -4.73
C THR D 258 -9.24 -42.05 -5.45
N CYS D 259 -9.03 -40.99 -4.68
CA CYS D 259 -8.78 -39.65 -5.24
C CYS D 259 -7.33 -39.24 -5.03
N HIS D 260 -6.68 -38.73 -6.08
CA HIS D 260 -5.27 -38.38 -6.01
C HIS D 260 -5.11 -36.92 -6.15
N VAL D 261 -4.37 -36.30 -5.25
CA VAL D 261 -4.23 -34.85 -5.33
C VAL D 261 -2.79 -34.44 -5.37
N GLN D 262 -2.50 -33.57 -6.35
CA GLN D 262 -1.18 -33.05 -6.62
C GLN D 262 -1.16 -31.54 -6.52
N HIS D 263 -0.15 -31.04 -5.80
CA HIS D 263 -0.02 -29.62 -5.59
C HIS D 263 1.39 -29.32 -5.17
N GLU D 264 1.83 -28.12 -5.53
CA GLU D 264 3.20 -27.66 -5.24
C GLU D 264 3.57 -27.84 -3.74
N GLY D 265 2.62 -27.65 -2.83
CA GLY D 265 2.84 -27.86 -1.40
C GLY D 265 2.78 -29.28 -0.90
N LEU D 266 2.60 -30.26 -1.79
CA LEU D 266 2.51 -31.65 -1.37
C LEU D 266 3.81 -32.40 -1.71
N PRO D 267 4.69 -32.56 -0.70
CA PRO D 267 5.95 -33.28 -0.92
C PRO D 267 5.74 -34.54 -1.76
N LYS D 268 4.69 -35.29 -1.47
CA LYS D 268 4.28 -36.41 -2.30
C LYS D 268 2.77 -36.37 -2.34
N PRO D 269 2.17 -36.70 -3.50
CA PRO D 269 0.72 -36.54 -3.67
C PRO D 269 -0.11 -37.44 -2.74
N LEU D 270 -1.31 -36.98 -2.42
CA LEU D 270 -2.20 -37.66 -1.47
C LEU D 270 -3.17 -38.55 -2.20
N THR D 271 -3.63 -39.59 -1.49
CA THR D 271 -4.59 -40.61 -1.95
C THR D 271 -5.69 -40.82 -0.91
N LEU D 272 -6.94 -40.55 -1.28
CA LEU D 272 -8.06 -40.62 -0.34
C LEU D 272 -9.00 -41.73 -0.75
N ARG D 273 -9.35 -42.60 0.18
CA ARG D 273 -10.32 -43.64 -0.07
C ARG D 273 -11.48 -43.27 0.84
N TRP D 274 -12.70 -43.66 0.45
CA TRP D 274 -13.83 -43.44 1.33
C TRP D 274 -13.72 -44.42 2.46
N GLU D 275 -13.49 -43.86 3.65
CA GLU D 275 -13.37 -44.57 4.90
C GLU D 275 -14.62 -44.23 5.74
N PRO D 276 -15.72 -44.96 5.52
CA PRO D 276 -16.97 -44.58 6.16
C PRO D 276 -16.97 -44.85 7.68
N MET E 1 -18.19 -9.20 -32.60
CA MET E 1 -19.03 -9.06 -31.37
C MET E 1 -19.39 -10.43 -30.82
N ILE E 2 -18.96 -10.70 -29.59
CA ILE E 2 -19.24 -11.98 -28.93
C ILE E 2 -19.91 -11.76 -27.56
N GLN E 3 -20.85 -12.63 -27.23
CA GLN E 3 -21.47 -12.65 -25.91
C GLN E 3 -21.38 -14.06 -25.34
N ARG E 4 -20.93 -14.13 -24.10
CA ARG E 4 -20.82 -15.39 -23.40
C ARG E 4 -21.58 -15.25 -22.10
N THR E 5 -22.41 -16.23 -21.82
CA THR E 5 -23.27 -16.20 -20.67
C THR E 5 -22.46 -16.61 -19.45
N PRO E 6 -22.69 -15.97 -18.30
CA PRO E 6 -21.85 -16.30 -17.12
C PRO E 6 -22.04 -17.71 -16.56
N LYS E 7 -20.96 -18.31 -16.06
CA LYS E 7 -21.03 -19.51 -15.22
C LYS E 7 -21.12 -18.97 -13.81
N ILE E 8 -21.69 -19.76 -12.90
CA ILE E 8 -21.96 -19.29 -11.56
C ILE E 8 -21.59 -20.36 -10.58
N GLN E 9 -20.93 -20.01 -9.49
CA GLN E 9 -20.76 -20.96 -8.38
C GLN E 9 -21.10 -20.29 -7.08
N VAL E 10 -21.76 -21.04 -6.19
CA VAL E 10 -22.21 -20.53 -4.92
C VAL E 10 -21.66 -21.41 -3.83
N TYR E 11 -20.99 -20.82 -2.87
CA TYR E 11 -20.23 -21.61 -1.89
C TYR E 11 -19.79 -20.78 -0.71
N SER E 12 -19.41 -21.44 0.38
CA SER E 12 -18.90 -20.76 1.56
C SER E 12 -17.38 -20.71 1.54
N ARG E 13 -16.82 -19.75 2.27
CA ARG E 13 -15.36 -19.66 2.35
C ARG E 13 -14.75 -20.82 3.13
N HIS E 14 -15.36 -21.18 4.26
CA HIS E 14 -14.95 -22.34 5.06
C HIS E 14 -16.09 -23.35 5.07
N PRO E 15 -15.80 -24.63 5.36
CA PRO E 15 -16.90 -25.59 5.41
C PRO E 15 -17.91 -25.13 6.42
N ALA E 16 -19.17 -25.29 6.08
CA ALA E 16 -20.25 -24.72 6.86
C ALA E 16 -20.47 -25.54 8.13
N GLU E 17 -20.83 -24.83 9.21
CA GLU E 17 -21.33 -25.45 10.42
C GLU E 17 -22.40 -24.53 10.91
N ASN E 18 -23.56 -25.09 11.21
CA ASN E 18 -24.63 -24.24 11.67
C ASN E 18 -24.23 -23.45 12.89
N GLY E 19 -24.51 -22.15 12.87
CA GLY E 19 -24.24 -21.28 14.01
C GLY E 19 -22.84 -20.74 14.10
N LYS E 20 -22.00 -20.97 13.08
CA LYS E 20 -20.65 -20.39 13.03
C LYS E 20 -20.57 -19.36 11.91
N SER E 21 -20.03 -18.19 12.22
CA SER E 21 -19.81 -17.15 11.22
C SER E 21 -18.94 -17.65 10.08
N ASN E 22 -19.19 -17.15 8.88
CA ASN E 22 -18.53 -17.64 7.66
C ASN E 22 -18.62 -16.54 6.57
N PHE E 23 -18.33 -16.89 5.32
CA PHE E 23 -18.60 -15.98 4.21
C PHE E 23 -19.30 -16.74 3.09
N LEU E 24 -20.30 -16.12 2.49
CA LEU E 24 -21.05 -16.70 1.39
C LEU E 24 -20.53 -16.03 0.14
N ASN E 25 -20.24 -16.81 -0.90
CA ASN E 25 -19.63 -16.35 -2.12
C ASN E 25 -20.44 -16.69 -3.35
N CYS E 26 -20.45 -15.79 -4.31
CA CYS E 26 -20.95 -16.07 -5.63
C CYS E 26 -19.86 -15.69 -6.65
N TYR E 27 -19.20 -16.70 -7.24
CA TYR E 27 -18.17 -16.47 -8.24
C TYR E 27 -18.85 -16.60 -9.59
N VAL E 28 -18.75 -15.52 -10.37
CA VAL E 28 -19.38 -15.42 -11.66
C VAL E 28 -18.23 -15.26 -12.70
N SER E 29 -18.24 -16.05 -13.78
CA SER E 29 -17.11 -16.05 -14.72
C SER E 29 -17.47 -16.44 -16.13
N GLY E 30 -16.51 -16.30 -17.02
CA GLY E 30 -16.71 -16.71 -18.42
C GLY E 30 -17.76 -15.91 -19.18
N PHE E 31 -17.98 -14.67 -18.75
CA PHE E 31 -19.01 -13.85 -19.36
C PHE E 31 -18.49 -12.64 -20.11
N HIS E 32 -19.34 -12.12 -21.01
CA HIS E 32 -19.03 -10.95 -21.81
C HIS E 32 -20.31 -10.41 -22.47
N PRO E 33 -20.56 -9.10 -22.42
CA PRO E 33 -19.69 -8.06 -21.89
C PRO E 33 -19.75 -7.90 -20.37
N SER E 34 -19.09 -6.86 -19.86
CA SER E 34 -18.77 -6.78 -18.43
C SER E 34 -19.96 -6.40 -17.54
N ASP E 35 -20.94 -5.67 -18.05
CA ASP E 35 -22.07 -5.24 -17.19
C ASP E 35 -22.83 -6.46 -16.72
N ILE E 36 -23.08 -6.51 -15.42
CA ILE E 36 -23.71 -7.67 -14.81
C ILE E 36 -24.32 -7.32 -13.45
N GLU E 37 -25.48 -7.87 -13.14
CA GLU E 37 -26.12 -7.62 -11.88
C GLU E 37 -26.10 -8.91 -11.08
N VAL E 38 -25.54 -8.85 -9.90
CA VAL E 38 -25.52 -10.00 -9.02
C VAL E 38 -26.04 -9.64 -7.63
N ASP E 39 -26.97 -10.41 -7.11
CA ASP E 39 -27.44 -10.27 -5.72
C ASP E 39 -27.31 -11.59 -5.00
N LEU E 40 -26.97 -11.52 -3.73
CA LEU E 40 -27.07 -12.65 -2.84
C LEU E 40 -28.41 -12.56 -2.11
N LEU E 41 -29.08 -13.70 -2.01
CA LEU E 41 -30.39 -13.73 -1.39
C LEU E 41 -30.37 -14.56 -0.12
N LYS E 42 -31.22 -14.16 0.84
CA LYS E 42 -31.51 -14.96 2.02
C LYS E 42 -33.00 -15.16 2.07
N ASN E 43 -33.42 -16.41 1.99
CA ASN E 43 -34.84 -16.77 1.88
C ASN E 43 -35.61 -15.96 0.83
N GLY E 44 -34.95 -15.68 -0.30
CA GLY E 44 -35.57 -14.98 -1.42
C GLY E 44 -35.43 -13.47 -1.40
N GLU E 45 -34.98 -12.90 -0.27
CA GLU E 45 -34.82 -11.44 -0.15
C GLU E 45 -33.34 -10.99 -0.27
N ARG E 46 -33.17 -9.84 -0.92
CA ARG E 46 -31.85 -9.33 -1.28
C ARG E 46 -31.08 -8.85 -0.06
N ILE E 47 -29.81 -9.23 0.03
CA ILE E 47 -28.96 -8.82 1.15
C ILE E 47 -28.21 -7.54 0.86
N GLU E 48 -28.05 -6.74 1.93
CA GLU E 48 -27.61 -5.33 1.94
C GLU E 48 -26.09 -5.08 1.68
N LYS E 49 -25.20 -5.59 2.55
CA LYS E 49 -23.75 -5.33 2.38
C LYS E 49 -23.19 -6.53 1.67
N VAL E 50 -22.95 -6.39 0.37
CA VAL E 50 -22.32 -7.41 -0.42
C VAL E 50 -21.13 -6.74 -1.07
N GLU E 51 -19.93 -7.31 -0.96
CA GLU E 51 -18.77 -6.70 -1.61
C GLU E 51 -18.37 -7.47 -2.85
N HIS E 52 -17.46 -6.91 -3.65
CA HIS E 52 -17.04 -7.60 -4.86
C HIS E 52 -15.61 -7.30 -5.27
N SER E 53 -14.95 -8.29 -5.86
CA SER E 53 -13.58 -8.14 -6.36
C SER E 53 -13.55 -7.18 -7.53
N ASP E 54 -12.35 -6.79 -7.94
CA ASP E 54 -12.26 -5.87 -9.04
C ASP E 54 -12.37 -6.66 -10.29
N LEU E 55 -12.99 -6.05 -11.27
CA LEU E 55 -13.21 -6.68 -12.57
C LEU E 55 -11.89 -7.14 -13.21
N SER E 56 -11.83 -8.42 -13.57
CA SER E 56 -10.67 -8.95 -14.25
C SER E 56 -11.09 -9.92 -15.35
N PHE E 57 -10.12 -10.43 -16.10
CA PHE E 57 -10.47 -11.35 -17.17
C PHE E 57 -9.48 -12.43 -17.51
N SER E 58 -10.00 -13.45 -18.16
CA SER E 58 -9.28 -14.65 -18.46
C SER E 58 -8.60 -14.62 -19.79
N LYS E 59 -7.88 -15.69 -20.07
CA LYS E 59 -7.09 -15.80 -21.28
C LYS E 59 -7.96 -15.60 -22.53
N ASP E 60 -9.21 -16.06 -22.45
CA ASP E 60 -10.14 -15.94 -23.57
C ASP E 60 -10.85 -14.58 -23.63
N TRP E 61 -10.49 -13.69 -22.70
CA TRP E 61 -11.05 -12.33 -22.58
C TRP E 61 -12.36 -12.24 -21.84
N SER E 62 -12.90 -13.38 -21.41
CA SER E 62 -14.11 -13.38 -20.61
C SER E 62 -13.86 -12.91 -19.15
N PHE E 63 -14.84 -12.24 -18.57
CA PHE E 63 -14.66 -11.64 -17.24
C PHE E 63 -15.03 -12.53 -16.07
N TYR E 64 -14.44 -12.23 -14.92
CA TYR E 64 -14.82 -12.92 -13.69
C TYR E 64 -14.88 -11.94 -12.52
N LEU E 65 -15.74 -12.26 -11.55
CA LEU E 65 -15.98 -11.43 -10.38
C LEU E 65 -16.38 -12.30 -9.21
N LEU E 66 -15.91 -11.93 -8.03
CA LEU E 66 -16.33 -12.59 -6.79
C LEU E 66 -17.20 -11.63 -5.93
N TYR E 67 -18.44 -12.02 -5.67
CA TYR E 67 -19.31 -11.28 -4.75
C TYR E 67 -19.37 -12.05 -3.45
N TYR E 68 -19.38 -11.34 -2.32
CA TYR E 68 -19.36 -12.01 -1.05
C TYR E 68 -19.94 -11.20 0.09
N THR E 69 -20.28 -11.91 1.16
CA THR E 69 -20.80 -11.30 2.36
C THR E 69 -20.69 -12.22 3.59
N GLU E 70 -20.60 -11.62 4.78
CA GLU E 70 -20.55 -12.39 6.03
C GLU E 70 -21.91 -13.07 6.19
N PHE E 71 -21.91 -14.27 6.75
CA PHE E 71 -23.15 -14.93 7.15
C PHE E 71 -22.89 -16.04 8.15
N THR E 72 -23.98 -16.57 8.68
CA THR E 72 -23.93 -17.66 9.64
C THR E 72 -24.97 -18.70 9.24
N PRO E 73 -24.50 -19.82 8.65
CA PRO E 73 -25.45 -20.81 8.20
C PRO E 73 -26.30 -21.35 9.33
N THR E 74 -27.50 -21.77 8.99
CA THR E 74 -28.36 -22.45 9.92
C THR E 74 -28.94 -23.63 9.19
N GLU E 75 -29.48 -24.57 9.95
CA GLU E 75 -29.96 -25.82 9.39
C GLU E 75 -30.90 -25.51 8.25
N LYS E 76 -31.81 -24.54 8.41
CA LYS E 76 -32.89 -24.33 7.41
C LYS E 76 -32.96 -22.98 6.65
N ASP E 77 -32.18 -21.96 7.03
CA ASP E 77 -32.07 -20.73 6.21
C ASP E 77 -31.58 -21.08 4.83
N GLU E 78 -32.09 -20.40 3.80
CA GLU E 78 -31.73 -20.71 2.41
C GLU E 78 -31.13 -19.55 1.68
N TYR E 79 -29.92 -19.75 1.22
CA TYR E 79 -29.18 -18.72 0.54
C TYR E 79 -29.04 -19.06 -0.96
N ALA E 80 -29.06 -18.03 -1.77
CA ALA E 80 -28.93 -18.22 -3.21
C ALA E 80 -28.22 -17.03 -3.82
N CYS E 81 -27.97 -17.15 -5.11
CA CYS E 81 -27.31 -16.13 -5.90
C CYS E 81 -28.17 -15.84 -7.13
N ARG E 82 -28.47 -14.57 -7.38
CA ARG E 82 -29.28 -14.21 -8.55
C ARG E 82 -28.49 -13.30 -9.49
N VAL E 83 -28.48 -13.65 -10.77
CA VAL E 83 -27.65 -12.99 -11.75
C VAL E 83 -28.40 -12.56 -13.00
N ASN E 84 -28.10 -11.38 -13.49
CA ASN E 84 -28.66 -10.94 -14.74
C ASN E 84 -27.57 -10.34 -15.61
N HIS E 85 -27.77 -10.50 -16.92
CA HIS E 85 -26.77 -10.19 -17.92
C HIS E 85 -27.51 -10.12 -19.25
N VAL E 86 -26.99 -9.38 -20.23
CA VAL E 86 -27.66 -9.26 -21.54
C VAL E 86 -28.00 -10.62 -22.13
N THR E 87 -27.12 -11.59 -21.90
CA THR E 87 -27.32 -12.95 -22.41
C THR E 87 -28.52 -13.70 -21.81
N LEU E 88 -29.05 -13.22 -20.69
CA LEU E 88 -30.15 -13.90 -20.03
C LEU E 88 -31.42 -13.10 -20.13
N SER E 89 -32.46 -13.77 -20.62
CA SER E 89 -33.77 -13.19 -20.76
C SER E 89 -34.50 -13.14 -19.45
N GLN E 90 -33.89 -13.68 -18.39
CA GLN E 90 -34.43 -13.51 -17.07
C GLN E 90 -33.37 -13.87 -16.07
N PRO E 91 -33.43 -13.24 -14.88
CA PRO E 91 -32.38 -13.54 -13.93
C PRO E 91 -32.26 -15.05 -13.64
N LYS E 92 -31.03 -15.51 -13.42
CA LYS E 92 -30.76 -16.88 -13.08
C LYS E 92 -30.45 -16.97 -11.59
N ILE E 93 -31.14 -17.89 -10.92
CA ILE E 93 -31.00 -18.05 -9.48
C ILE E 93 -30.34 -19.38 -9.23
N VAL E 94 -29.22 -19.36 -8.52
CA VAL E 94 -28.52 -20.59 -8.11
C VAL E 94 -28.53 -20.71 -6.60
N LYS E 95 -29.13 -21.77 -6.11
CA LYS E 95 -29.21 -22.01 -4.65
C LYS E 95 -27.89 -22.53 -4.13
N TRP E 96 -27.51 -22.12 -2.93
CA TRP E 96 -26.31 -22.66 -2.29
C TRP E 96 -26.52 -24.09 -1.79
N ASP E 97 -25.65 -25.01 -2.18
CA ASP E 97 -25.60 -26.34 -1.61
C ASP E 97 -24.35 -26.47 -0.70
N ARG E 98 -24.52 -26.92 0.55
CA ARG E 98 -23.41 -27.05 1.49
C ARG E 98 -22.27 -27.88 0.97
N ASP E 99 -22.53 -28.85 0.09
CA ASP E 99 -21.47 -29.70 -0.52
C ASP E 99 -21.29 -29.52 -2.07
N MET E 100 -21.81 -28.43 -2.65
CA MET E 100 -22.07 -28.21 -4.15
C MET E 100 -22.95 -29.19 -5.04
N ILE F 1 5.25 -2.64 -12.21
CA ILE F 1 5.43 -1.34 -12.91
C ILE F 1 4.83 -1.47 -14.31
N LEU F 2 4.04 -0.50 -14.70
CA LEU F 2 3.52 -0.41 -16.06
C LEU F 2 4.56 0.12 -17.01
N GLY F 3 4.29 -0.03 -18.30
CA GLY F 3 5.18 0.44 -19.34
C GLY F 3 4.79 1.85 -19.62
N LYS F 4 5.67 2.64 -20.24
CA LYS F 4 5.26 3.97 -20.67
C LYS F 4 4.88 3.80 -22.11
N PHE F 5 3.66 3.35 -22.29
CA PHE F 5 3.19 2.97 -23.59
C PHE F 5 2.22 4.01 -24.06
N LEU F 6 2.50 4.37 -25.29
CA LEU F 6 2.07 5.60 -25.88
C LEU F 6 1.55 5.15 -27.24
N HIS F 7 0.61 4.18 -27.21
CA HIS F 7 0.20 3.40 -28.41
C HIS F 7 -1.24 3.52 -28.85
N TRP F 8 -1.44 3.79 -30.14
CA TRP F 8 -2.79 3.80 -30.69
C TRP F 8 -2.97 2.74 -31.74
N LEU F 9 -4.18 2.19 -31.80
CA LEU F 9 -4.55 1.21 -32.81
C LEU F 9 -4.84 1.98 -34.11
#